data_5I6Z
#
_entry.id   5I6Z
#
_cell.length_a   129.750
_cell.length_b   162.810
_cell.length_c   140.060
_cell.angle_alpha   90.00
_cell.angle_beta   90.00
_cell.angle_gamma   90.00
#
_symmetry.space_group_name_H-M   'C 2 2 21'
#
loop_
_entity.id
_entity.type
_entity.pdbx_description
1 polymer 'Sodium-dependent serotonin transporter'
2 polymer '8B6 antibody, heavy chain'
3 polymer '8B6 antibody, light chain'
4 non-polymer 2-acetamido-2-deoxy-beta-D-glucopyranose
#
loop_
_entity_poly.entity_id
_entity_poly.type
_entity_poly.pdbx_seq_one_letter_code
_entity_poly.pdbx_strand_id
1 'polypeptide(L)'
;GSQGERETWGKKVDFLLSVIGYAVDLGNVWRFPYICYQNGGGAFLLPYTIMAIFGGIPLFYMELALGQYHRNGCISIWRK
ICPIFKGIGYAICIIAFYIASYYNTIMAWALYYLISSFTDQLPWTSCKNSWNTGNCTNYFSEDNITWTLHSTSPAEEFYT
RHVLQIHRSKGLQDLGGISWQLALCIMLIFTVIYFSIWKGVKTSGKVVWVTATFPYIALSVLLVRGATLPGAWRGVLFYL
KPNWQKLLETGVWIDAAAQIFFSLGPGFGVLLAFASYNKFNNNCYQDALVTSVVNCMTSFVSGFVIFTVLGYMAEMRNED
VSEVAKDAGPSLLFITYAEAIANMPASTFFAIIFFLMLITLGLDSSFAGLEGVITAVLDEFPHVWAKRRERFVLAVVITC
FFGSLVTLTFGGAYVVKLLEEYATGPAVLTVALIEAVAVSWFYGITQFCRDVKEMLGFSPGWFWRICWVAISPLFLLFII
ASFLMSPPQLRLFQYNYPYWSIILGYAIGTSSFICIPTYIAYRLIITPGTFKERIIKSITPETPTLVPR
;
A
2 'polypeptide(L)'
;EVQLQQSGPELVKPGASVKISCKASGYTFTDYYMNWVKQSHGKSLEWIGNINPNNGGTSYNQKFKGKATLTVDKSSTTAY
MELRSLTSEDSAVYYCTRSPVRPYYFDYWGQGTTLTVSSAKTTPPSVYPLAPGCGDTTGSSVTLGCLVKGYFPESVTVTW
NSGSLSSSVHTFPALLQSGLYTMSSSVTVPSSTWPSQTVTCSVAHPASSTTVDKKLEPSGP
;
B
3 'polypeptide(L)'
;DIVMTQSHKFMSTSVGDRVSITCKASQDVSTAVAWYQQKPGQSPKLLIYSASYRYTGVPDRFTGSGSGTDFTFTISSVQA
EDLAVYYCQQHYSIPRTFGGGTKLEIKRADAAPTVSIFPPSSEQLTSGGASVVCFLNNFYPKDINVKWKIDGSERQNGVL
NSWTDQDSKDSTYSMSSTLTLTKDEYERHNSYTCEATHKTSTSPIVKSFNRNEC
;
C
#
# COMPACT_ATOMS: atom_id res chain seq x y z
N GLY A 1 -39.18 -34.09 -1.69
CA GLY A 1 -39.78 -33.13 -2.61
C GLY A 1 -39.06 -31.80 -2.63
N SER A 2 -39.76 -30.78 -3.12
CA SER A 2 -39.23 -29.41 -3.25
C SER A 2 -37.97 -29.47 -4.11
N GLN A 3 -36.83 -28.94 -3.66
CA GLN A 3 -35.63 -28.96 -4.47
C GLN A 3 -35.08 -30.37 -4.63
N GLY A 4 -34.86 -31.07 -3.52
CA GLY A 4 -34.39 -32.43 -3.56
C GLY A 4 -32.99 -32.58 -4.12
N GLU A 5 -32.86 -33.38 -5.16
CA GLU A 5 -31.56 -33.63 -5.78
C GLU A 5 -30.93 -32.34 -6.27
N ARG A 6 -29.60 -32.29 -6.25
CA ARG A 6 -28.88 -31.11 -6.68
C ARG A 6 -28.89 -31.00 -8.20
N GLU A 7 -28.27 -29.93 -8.71
CA GLU A 7 -28.24 -29.69 -10.14
C GLU A 7 -27.16 -30.54 -10.80
N THR A 8 -27.06 -30.41 -12.12
CA THR A 8 -26.08 -31.15 -12.91
C THR A 8 -25.40 -30.22 -13.90
N TRP A 9 -24.30 -30.70 -14.47
CA TRP A 9 -23.55 -29.90 -15.44
C TRP A 9 -24.30 -29.83 -16.76
N GLY A 10 -24.05 -28.75 -17.50
CA GLY A 10 -24.72 -28.57 -18.77
C GLY A 10 -24.19 -29.50 -19.85
N LYS A 11 -22.87 -29.66 -19.92
CA LYS A 11 -22.26 -30.53 -20.92
C LYS A 11 -20.99 -31.13 -20.34
N LYS A 12 -20.59 -32.27 -20.91
CA LYS A 12 -19.37 -32.93 -20.49
C LYS A 12 -18.14 -32.06 -20.73
N VAL A 13 -18.16 -31.25 -21.79
CA VAL A 13 -17.00 -30.43 -22.12
C VAL A 13 -16.91 -29.20 -21.21
N ASP A 14 -18.03 -28.75 -20.66
CA ASP A 14 -18.02 -27.55 -19.83
C ASP A 14 -17.27 -27.79 -18.52
N PHE A 15 -17.62 -28.84 -17.79
CA PHE A 15 -16.90 -29.14 -16.55
C PHE A 15 -15.50 -29.66 -16.82
N LEU A 16 -15.28 -30.27 -17.99
CA LEU A 16 -13.93 -30.70 -18.35
C LEU A 16 -13.00 -29.50 -18.49
N LEU A 17 -13.46 -28.46 -19.19
CA LEU A 17 -12.69 -27.23 -19.28
C LEU A 17 -12.73 -26.43 -17.98
N SER A 18 -13.75 -26.65 -17.15
CA SER A 18 -13.84 -25.92 -15.88
C SER A 18 -12.78 -26.38 -14.89
N VAL A 19 -12.57 -27.71 -14.81
CA VAL A 19 -11.52 -28.22 -13.93
C VAL A 19 -10.15 -27.94 -14.52
N ILE A 20 -10.05 -27.82 -15.85
CA ILE A 20 -8.79 -27.44 -16.47
C ILE A 20 -8.48 -25.98 -16.19
N GLY A 21 -9.52 -25.13 -16.17
CA GLY A 21 -9.30 -23.72 -15.85
C GLY A 21 -8.84 -23.51 -14.42
N TYR A 22 -9.35 -24.33 -13.49
CA TYR A 22 -8.91 -24.22 -12.10
C TYR A 22 -7.47 -24.68 -11.94
N ALA A 23 -7.06 -25.70 -12.68
CA ALA A 23 -5.70 -26.22 -12.56
C ALA A 23 -4.68 -25.26 -13.18
N VAL A 24 -4.98 -24.76 -14.38
CA VAL A 24 -4.08 -23.85 -15.07
C VAL A 24 -4.23 -22.46 -14.49
N ASP A 25 -3.12 -21.90 -14.00
CA ASP A 25 -3.11 -20.58 -13.37
C ASP A 25 -1.78 -19.91 -13.69
N LEU A 26 -1.52 -18.80 -12.99
CA LEU A 26 -0.26 -18.08 -13.17
C LEU A 26 0.94 -18.96 -12.88
N GLY A 27 0.81 -19.88 -11.92
CA GLY A 27 1.95 -20.72 -11.56
C GLY A 27 2.43 -21.61 -12.69
N ASN A 28 1.50 -22.09 -13.51
CA ASN A 28 1.88 -22.92 -14.65
C ASN A 28 2.70 -22.17 -15.68
N VAL A 29 2.80 -20.85 -15.58
CA VAL A 29 3.46 -20.04 -16.59
C VAL A 29 4.89 -19.71 -16.17
N TRP A 30 5.04 -18.91 -15.12
CA TRP A 30 6.38 -18.52 -14.67
C TRP A 30 7.01 -19.56 -13.74
N ARG A 31 6.23 -20.15 -12.84
CA ARG A 31 6.81 -20.91 -11.73
C ARG A 31 7.49 -22.19 -12.21
N PHE A 32 6.78 -23.02 -12.98
CA PHE A 32 7.35 -24.28 -13.43
C PHE A 32 8.63 -24.11 -14.25
N PRO A 33 8.74 -23.17 -15.20
CA PRO A 33 10.01 -23.04 -15.94
C PRO A 33 11.18 -22.62 -15.08
N TYR A 34 10.95 -21.81 -14.05
CA TYR A 34 12.05 -21.38 -13.19
C TYR A 34 12.61 -22.55 -12.39
N ILE A 35 11.73 -23.29 -11.70
CA ILE A 35 12.20 -24.42 -10.89
C ILE A 35 12.76 -25.52 -11.79
N CYS A 36 12.30 -25.60 -13.04
CA CYS A 36 12.85 -26.58 -13.97
C CYS A 36 14.27 -26.21 -14.38
N TYR A 37 14.45 -24.97 -14.85
CA TYR A 37 15.78 -24.53 -15.28
C TYR A 37 16.76 -24.39 -14.13
N GLN A 38 16.26 -24.16 -12.91
CA GLN A 38 17.16 -24.04 -11.76
C GLN A 38 17.63 -25.39 -11.26
N ASN A 39 16.73 -26.37 -11.21
CA ASN A 39 17.05 -27.71 -10.72
C ASN A 39 17.21 -28.64 -11.92
N GLY A 40 18.45 -29.01 -12.21
CA GLY A 40 18.75 -30.01 -13.23
C GLY A 40 18.43 -29.61 -14.66
N GLY A 41 17.88 -28.41 -14.89
CA GLY A 41 17.48 -28.04 -16.23
C GLY A 41 16.38 -28.95 -16.74
N GLY A 42 16.57 -29.49 -17.94
CA GLY A 42 15.60 -30.39 -18.53
C GLY A 42 15.44 -31.69 -17.78
N ALA A 43 16.43 -32.09 -16.99
CA ALA A 43 16.35 -33.32 -16.22
C ALA A 43 15.31 -33.25 -15.11
N PHE A 44 14.75 -32.07 -14.84
CA PHE A 44 13.72 -31.93 -13.81
C PHE A 44 12.43 -32.66 -14.19
N LEU A 45 12.26 -33.00 -15.48
CA LEU A 45 11.05 -33.70 -15.90
C LEU A 45 10.96 -35.10 -15.31
N LEU A 46 12.11 -35.74 -15.02
CA LEU A 46 12.09 -37.10 -14.52
C LEU A 46 11.43 -37.18 -13.14
N PRO A 47 11.87 -36.44 -12.11
CA PRO A 47 11.17 -36.51 -10.83
C PRO A 47 9.80 -35.85 -10.86
N TYR A 48 9.61 -34.84 -11.72
CA TYR A 48 8.33 -34.15 -11.78
C TYR A 48 7.22 -35.07 -12.25
N THR A 49 7.50 -35.93 -13.25
CA THR A 49 6.50 -36.88 -13.71
C THR A 49 6.31 -38.01 -12.71
N ILE A 50 7.38 -38.42 -12.02
CA ILE A 50 7.25 -39.46 -11.01
C ILE A 50 6.39 -38.98 -9.85
N MET A 51 6.65 -37.76 -9.37
CA MET A 51 5.83 -37.19 -8.31
C MET A 51 4.39 -36.96 -8.77
N ALA A 52 4.19 -36.75 -10.07
CA ALA A 52 2.84 -36.65 -10.60
C ALA A 52 2.13 -38.00 -10.59
N ILE A 53 2.77 -39.01 -11.19
CA ILE A 53 2.14 -40.32 -11.34
C ILE A 53 1.85 -40.93 -9.96
N PHE A 54 2.88 -41.06 -9.14
CA PHE A 54 2.71 -41.68 -7.83
C PHE A 54 1.93 -40.79 -6.89
N GLY A 55 2.41 -39.57 -6.66
CA GLY A 55 1.77 -38.65 -5.74
C GLY A 55 0.56 -37.88 -6.25
N GLY A 56 0.70 -37.25 -7.42
CA GLY A 56 -0.26 -36.24 -7.84
C GLY A 56 -1.56 -36.75 -8.42
N ILE A 57 -1.49 -37.75 -9.29
CA ILE A 57 -2.68 -38.27 -9.98
C ILE A 57 -3.62 -38.97 -9.01
N PRO A 58 -3.15 -39.87 -8.13
CA PRO A 58 -4.11 -40.57 -7.25
C PRO A 58 -4.88 -39.63 -6.32
N LEU A 59 -4.21 -38.64 -5.75
CA LEU A 59 -4.92 -37.65 -4.94
C LEU A 59 -5.93 -36.87 -5.79
N PHE A 60 -5.53 -36.52 -7.02
CA PHE A 60 -6.43 -35.80 -7.91
C PHE A 60 -7.62 -36.65 -8.31
N TYR A 61 -7.38 -37.94 -8.59
CA TYR A 61 -8.47 -38.83 -8.98
C TYR A 61 -9.30 -39.27 -7.78
N MET A 62 -8.69 -39.42 -6.60
CA MET A 62 -9.47 -39.75 -5.41
C MET A 62 -10.37 -38.60 -5.00
N GLU A 63 -9.84 -37.37 -5.03
CA GLU A 63 -10.66 -36.20 -4.73
C GLU A 63 -11.78 -36.04 -5.74
N LEU A 64 -11.51 -36.32 -7.02
CA LEU A 64 -12.53 -36.18 -8.04
C LEU A 64 -13.59 -37.27 -7.95
N ALA A 65 -13.17 -38.50 -7.65
CA ALA A 65 -14.11 -39.61 -7.56
C ALA A 65 -15.06 -39.43 -6.37
N LEU A 66 -14.55 -38.91 -5.25
CA LEU A 66 -15.40 -38.68 -4.09
C LEU A 66 -16.44 -37.60 -4.37
N GLY A 67 -16.13 -36.65 -5.25
CA GLY A 67 -17.08 -35.60 -5.55
C GLY A 67 -18.26 -36.09 -6.38
N GLN A 68 -17.98 -36.81 -7.45
CA GLN A 68 -19.05 -37.28 -8.33
C GLN A 68 -19.89 -38.36 -7.66
N TYR A 69 -19.27 -39.19 -6.82
CA TYR A 69 -19.99 -40.28 -6.18
C TYR A 69 -20.90 -39.76 -5.07
N HIS A 70 -20.36 -38.99 -4.13
CA HIS A 70 -21.14 -38.54 -2.99
C HIS A 70 -22.02 -37.34 -3.31
N ARG A 71 -21.58 -36.48 -4.24
CA ARG A 71 -22.30 -35.26 -4.60
C ARG A 71 -22.55 -34.37 -3.38
N ASN A 72 -21.53 -34.21 -2.55
CA ASN A 72 -21.61 -33.39 -1.35
C ASN A 72 -20.46 -32.38 -1.31
N GLY A 73 -20.67 -31.31 -0.55
CA GLY A 73 -19.68 -30.27 -0.43
C GLY A 73 -18.47 -30.68 0.41
N CYS A 74 -17.54 -29.73 0.57
CA CYS A 74 -16.32 -29.97 1.33
C CYS A 74 -16.59 -30.23 2.80
N ILE A 75 -17.76 -29.86 3.31
CA ILE A 75 -18.14 -30.08 4.71
C ILE A 75 -19.08 -31.28 4.82
N SER A 76 -20.24 -31.21 4.15
CA SER A 76 -21.27 -32.25 4.29
C SER A 76 -20.76 -33.62 3.91
N ILE A 77 -19.73 -33.70 3.06
CA ILE A 77 -19.24 -35.03 2.67
C ILE A 77 -18.54 -35.70 3.84
N TRP A 78 -18.00 -34.93 4.79
CA TRP A 78 -17.41 -35.52 5.97
C TRP A 78 -18.45 -35.96 6.98
N ARG A 79 -19.65 -35.37 6.94
CA ARG A 79 -20.74 -35.84 7.79
C ARG A 79 -21.11 -37.28 7.46
N LYS A 80 -21.03 -37.65 6.19
CA LYS A 80 -21.39 -38.98 5.74
C LYS A 80 -20.19 -39.92 5.63
N ILE A 81 -18.99 -39.47 6.01
CA ILE A 81 -17.80 -40.32 5.97
C ILE A 81 -17.19 -40.41 7.36
N CYS A 82 -16.55 -39.32 7.80
CA CYS A 82 -15.89 -39.27 9.11
C CYS A 82 -16.32 -37.97 9.77
N PRO A 83 -17.40 -38.00 10.55
CA PRO A 83 -17.94 -36.74 11.11
C PRO A 83 -16.95 -35.97 11.98
N ILE A 84 -15.99 -36.64 12.60
CA ILE A 84 -15.01 -35.93 13.41
C ILE A 84 -14.15 -35.02 12.53
N PHE A 85 -13.96 -35.38 11.27
CA PHE A 85 -13.14 -34.62 10.34
C PHE A 85 -13.94 -33.56 9.59
N LYS A 86 -15.21 -33.36 9.98
CA LYS A 86 -16.04 -32.34 9.36
C LYS A 86 -15.39 -30.96 9.41
N GLY A 87 -14.52 -30.73 10.41
CA GLY A 87 -13.75 -29.50 10.47
C GLY A 87 -12.81 -29.27 9.30
N ILE A 88 -12.54 -30.32 8.51
CA ILE A 88 -11.73 -30.15 7.31
C ILE A 88 -12.41 -29.18 6.34
N GLY A 89 -13.72 -29.33 6.16
CA GLY A 89 -14.45 -28.39 5.32
C GLY A 89 -14.39 -26.96 5.83
N TYR A 90 -14.35 -26.80 7.15
CA TYR A 90 -14.22 -25.45 7.73
C TYR A 90 -12.81 -24.91 7.52
N ALA A 91 -11.79 -25.76 7.67
CA ALA A 91 -10.41 -25.31 7.49
C ALA A 91 -10.18 -24.83 6.06
N ILE A 92 -10.77 -25.53 5.09
CA ILE A 92 -10.65 -25.11 3.69
C ILE A 92 -11.30 -23.75 3.48
N CYS A 93 -12.43 -23.50 4.16
CA CYS A 93 -13.09 -22.21 4.06
C CYS A 93 -12.19 -21.09 4.60
N ILE A 94 -11.45 -21.36 5.67
CA ILE A 94 -10.51 -20.38 6.20
C ILE A 94 -9.29 -20.28 5.31
N ILE A 95 -8.86 -21.41 4.74
CA ILE A 95 -7.70 -21.40 3.85
C ILE A 95 -8.00 -20.60 2.59
N ALA A 96 -9.15 -20.87 1.96
CA ALA A 96 -9.50 -20.17 0.73
C ALA A 96 -9.66 -18.67 0.96
N PHE A 97 -10.04 -18.26 2.16
CA PHE A 97 -10.08 -16.84 2.49
C PHE A 97 -8.67 -16.24 2.45
N TYR A 98 -7.72 -16.91 3.11
CA TYR A 98 -6.33 -16.46 3.07
C TYR A 98 -5.78 -16.49 1.65
N ILE A 99 -6.25 -17.44 0.83
CA ILE A 99 -5.81 -17.52 -0.55
C ILE A 99 -6.38 -16.36 -1.37
N ALA A 100 -7.68 -16.11 -1.23
CA ALA A 100 -8.35 -15.10 -2.03
C ALA A 100 -7.96 -13.68 -1.65
N SER A 101 -7.26 -13.48 -0.53
CA SER A 101 -6.85 -12.13 -0.15
C SER A 101 -5.81 -11.59 -1.13
N TYR A 102 -4.69 -12.30 -1.29
CA TYR A 102 -3.62 -11.83 -2.15
C TYR A 102 -3.85 -12.19 -3.63
N TYR A 103 -4.53 -13.30 -3.90
CA TYR A 103 -4.57 -13.84 -5.26
C TYR A 103 -5.20 -12.85 -6.24
N ASN A 104 -6.26 -12.17 -5.84
CA ASN A 104 -6.92 -11.22 -6.73
C ASN A 104 -6.22 -9.87 -6.80
N THR A 105 -5.31 -9.58 -5.87
CA THR A 105 -4.51 -8.36 -5.98
C THR A 105 -3.45 -8.50 -7.07
N ILE A 106 -2.97 -9.72 -7.31
CA ILE A 106 -2.02 -9.95 -8.39
C ILE A 106 -2.67 -9.68 -9.74
N MET A 107 -3.87 -10.22 -9.95
CA MET A 107 -4.62 -9.92 -11.16
C MET A 107 -4.97 -8.44 -11.24
N ALA A 108 -5.16 -7.79 -10.08
CA ALA A 108 -5.39 -6.35 -10.07
C ALA A 108 -4.16 -5.61 -10.59
N TRP A 109 -2.97 -6.12 -10.29
CA TRP A 109 -1.76 -5.57 -10.90
C TRP A 109 -1.76 -5.79 -12.41
N ALA A 110 -2.05 -7.03 -12.83
CA ALA A 110 -2.15 -7.31 -14.25
C ALA A 110 -3.30 -6.54 -14.90
N LEU A 111 -4.37 -6.26 -14.14
CA LEU A 111 -5.45 -5.43 -14.65
C LEU A 111 -5.01 -3.98 -14.76
N TYR A 112 -4.26 -3.49 -13.76
CA TYR A 112 -3.70 -2.15 -13.86
C TYR A 112 -2.68 -2.06 -15.00
N TYR A 113 -1.96 -3.14 -15.26
CA TYR A 113 -1.11 -3.19 -16.44
C TYR A 113 -1.94 -3.25 -17.72
N LEU A 114 -3.06 -3.98 -17.68
CA LEU A 114 -3.91 -4.09 -18.86
C LEU A 114 -4.52 -2.75 -19.24
N ILE A 115 -5.02 -2.01 -18.24
CA ILE A 115 -5.64 -0.72 -18.54
C ILE A 115 -4.59 0.34 -18.86
N SER A 116 -3.37 0.18 -18.36
CA SER A 116 -2.29 1.11 -18.69
C SER A 116 -1.61 0.76 -20.00
N SER A 117 -1.99 -0.34 -20.65
CA SER A 117 -1.41 -0.75 -21.92
C SER A 117 -2.17 -0.19 -23.12
N PHE A 118 -3.19 0.63 -22.90
CA PHE A 118 -3.98 1.20 -23.98
C PHE A 118 -3.34 2.44 -24.59
N THR A 119 -2.34 3.03 -23.93
CA THR A 119 -1.66 4.19 -24.49
C THR A 119 -0.74 3.75 -25.63
N ASP A 120 -0.60 4.63 -26.64
CA ASP A 120 0.23 4.32 -27.79
C ASP A 120 1.67 4.07 -27.38
N GLN A 121 2.19 4.86 -26.44
CA GLN A 121 3.53 4.69 -25.90
C GLN A 121 3.42 4.11 -24.50
N LEU A 122 4.01 2.94 -24.29
CA LEU A 122 3.88 2.26 -23.01
C LEU A 122 4.69 2.99 -21.94
N PRO A 123 4.18 3.07 -20.71
CA PRO A 123 4.83 3.92 -19.70
C PRO A 123 6.20 3.42 -19.27
N TRP A 124 6.45 2.12 -19.25
CA TRP A 124 7.69 1.59 -18.72
C TRP A 124 8.82 1.58 -19.74
N THR A 125 8.59 2.10 -20.94
CA THR A 125 9.68 2.25 -21.92
C THR A 125 10.57 3.44 -21.56
N SER A 126 10.01 4.64 -21.64
CA SER A 126 10.76 5.86 -21.35
C SER A 126 10.94 6.03 -19.84
N CYS A 127 11.99 6.78 -19.49
CA CYS A 127 12.29 7.09 -18.09
C CYS A 127 11.71 8.44 -17.65
N LYS A 128 11.04 9.16 -18.54
CA LYS A 128 10.47 10.46 -18.19
C LYS A 128 9.03 10.24 -17.74
N ASN A 129 8.80 10.36 -16.43
CA ASN A 129 7.51 10.13 -15.81
C ASN A 129 7.52 10.82 -14.45
N SER A 130 6.41 10.68 -13.72
CA SER A 130 6.33 11.25 -12.38
C SER A 130 6.98 10.34 -11.34
N TRP A 131 7.02 9.02 -11.57
CA TRP A 131 7.45 8.06 -10.58
C TRP A 131 8.92 7.65 -10.70
N ASN A 132 9.63 8.11 -11.71
CA ASN A 132 11.00 7.67 -11.94
C ASN A 132 12.00 8.48 -11.11
N THR A 133 13.06 7.81 -10.68
CA THR A 133 14.17 8.46 -9.99
C THR A 133 15.21 8.93 -11.00
N GLY A 134 16.27 9.53 -10.49
CA GLY A 134 17.44 9.81 -11.31
C GLY A 134 18.26 8.58 -11.64
N ASN A 135 17.98 7.46 -10.98
CA ASN A 135 18.62 6.19 -11.31
C ASN A 135 18.03 5.53 -12.55
N CYS A 136 16.89 6.01 -13.03
CA CYS A 136 16.24 5.40 -14.19
C CYS A 136 17.12 5.54 -15.41
N THR A 137 17.46 4.42 -16.05
CA THR A 137 18.20 4.40 -17.29
C THR A 137 17.51 3.43 -18.25
N ASN A 138 17.00 3.95 -19.35
CA ASN A 138 16.29 3.16 -20.35
C ASN A 138 17.19 2.96 -21.56
N TYR A 139 16.65 2.27 -22.57
CA TYR A 139 17.32 2.11 -23.85
C TYR A 139 16.74 3.11 -24.85
N PHE A 140 17.24 3.03 -26.09
CA PHE A 140 17.11 4.12 -27.06
C PHE A 140 17.74 5.39 -26.51
N SER A 141 18.71 5.23 -25.63
CA SER A 141 19.48 6.29 -24.98
C SER A 141 20.94 6.18 -25.43
N GLU A 142 21.79 6.98 -24.81
CA GLU A 142 23.22 6.94 -25.11
C GLU A 142 23.77 5.53 -24.96
N ASP A 143 24.64 5.14 -25.88
CA ASP A 143 25.29 3.84 -25.82
C ASP A 143 26.38 3.87 -24.75
N ASN A 144 27.12 2.77 -24.64
CA ASN A 144 28.26 2.58 -23.73
C ASN A 144 27.83 2.55 -22.26
N ILE A 145 26.54 2.70 -21.96
CA ILE A 145 26.06 2.84 -20.59
C ILE A 145 26.55 1.70 -19.72
N THR A 146 26.93 2.03 -18.49
CA THR A 146 27.38 1.06 -17.49
C THR A 146 26.42 1.12 -16.32
N TRP A 147 25.85 -0.02 -15.95
CA TRP A 147 24.84 -0.07 -14.91
C TRP A 147 25.49 0.09 -13.54
N THR A 148 24.71 0.65 -12.60
CA THR A 148 25.18 0.94 -11.26
C THR A 148 24.33 0.18 -10.25
N LEU A 149 24.93 -0.18 -9.12
CA LEU A 149 24.21 -0.84 -8.04
C LEU A 149 22.94 -0.08 -7.67
N HIS A 150 22.99 1.24 -7.67
CA HIS A 150 21.83 2.05 -7.35
C HIS A 150 20.90 2.28 -8.53
N SER A 151 21.37 2.02 -9.76
CA SER A 151 20.56 2.25 -10.94
C SER A 151 19.38 1.27 -10.97
N THR A 152 18.33 1.69 -11.69
CA THR A 152 17.10 0.92 -11.80
C THR A 152 16.52 1.08 -13.19
N SER A 153 15.98 -0.01 -13.74
CA SER A 153 15.43 0.01 -15.08
C SER A 153 14.04 0.64 -15.08
N PRO A 154 13.62 1.21 -16.22
CA PRO A 154 12.30 1.85 -16.26
C PRO A 154 11.15 0.89 -16.01
N ALA A 155 11.31 -0.40 -16.35
CA ALA A 155 10.29 -1.38 -16.02
C ALA A 155 10.30 -1.71 -14.54
N GLU A 156 11.50 -1.85 -13.95
CA GLU A 156 11.60 -2.04 -12.51
C GLU A 156 11.14 -0.79 -11.77
N GLU A 157 11.46 0.39 -12.30
CA GLU A 157 10.96 1.64 -11.72
C GLU A 157 9.45 1.71 -11.80
N PHE A 158 8.87 1.28 -12.93
CA PHE A 158 7.42 1.36 -13.11
C PHE A 158 6.69 0.42 -12.15
N TYR A 159 7.20 -0.81 -12.00
CA TYR A 159 6.54 -1.77 -11.13
C TYR A 159 6.75 -1.44 -9.66
N THR A 160 7.92 -0.91 -9.29
CA THR A 160 8.21 -0.62 -7.90
C THR A 160 7.46 0.61 -7.42
N ARG A 161 7.56 1.71 -8.15
CA ARG A 161 7.16 3.02 -7.66
C ARG A 161 5.72 3.40 -7.97
N HIS A 162 5.02 2.64 -8.83
CA HIS A 162 3.70 3.07 -9.30
C HIS A 162 2.63 2.04 -8.95
N VAL A 163 2.58 0.90 -9.63
CA VAL A 163 1.52 -0.07 -9.37
C VAL A 163 1.64 -0.62 -7.95
N LEU A 164 2.85 -0.95 -7.51
CA LEU A 164 3.04 -1.36 -6.13
C LEU A 164 3.14 -0.17 -5.20
N GLN A 165 3.85 0.88 -5.62
CA GLN A 165 4.22 1.99 -4.75
C GLN A 165 4.86 1.47 -3.47
N ILE A 166 5.68 0.44 -3.63
CA ILE A 166 6.28 -0.26 -2.49
C ILE A 166 7.33 0.59 -1.79
N HIS A 167 7.80 1.66 -2.44
CA HIS A 167 8.74 2.58 -1.81
C HIS A 167 8.09 3.38 -0.69
N ARG A 168 6.77 3.46 -0.67
CA ARG A 168 6.04 4.22 0.33
C ARG A 168 5.79 3.45 1.62
N SER A 169 6.27 2.21 1.70
CA SER A 169 6.15 1.39 2.89
C SER A 169 7.54 0.93 3.32
N LYS A 170 7.76 0.89 4.63
CA LYS A 170 9.05 0.46 5.17
C LYS A 170 9.15 -1.05 5.34
N GLY A 171 8.04 -1.77 5.23
CA GLY A 171 8.04 -3.20 5.40
C GLY A 171 6.70 -3.66 5.94
N LEU A 172 6.72 -4.86 6.54
CA LEU A 172 5.51 -5.38 7.18
C LEU A 172 5.08 -4.50 8.35
N GLN A 173 6.02 -3.78 8.96
CA GLN A 173 5.68 -2.94 10.10
C GLN A 173 4.71 -1.83 9.71
N ASP A 174 5.12 -0.97 8.78
CA ASP A 174 4.23 0.05 8.21
C ASP A 174 4.08 -0.24 6.72
N LEU A 175 2.94 -0.80 6.32
CA LEU A 175 2.58 -0.95 4.92
C LEU A 175 1.57 0.08 4.45
N GLY A 176 1.07 0.94 5.33
CA GLY A 176 -0.02 1.84 5.00
C GLY A 176 0.39 3.06 4.19
N GLY A 177 -0.56 3.64 3.47
CA GLY A 177 -1.94 3.16 3.43
C GLY A 177 -2.27 2.34 2.20
N ILE A 178 -3.52 2.39 1.78
CA ILE A 178 -4.03 1.58 0.68
C ILE A 178 -3.93 2.37 -0.63
N SER A 179 -3.54 1.68 -1.70
CA SER A 179 -3.61 2.23 -3.04
C SER A 179 -5.01 1.98 -3.60
N TRP A 180 -5.73 3.05 -3.94
CA TRP A 180 -7.11 2.92 -4.37
C TRP A 180 -7.24 2.42 -5.80
N GLN A 181 -6.22 2.57 -6.62
CA GLN A 181 -6.28 2.05 -7.99
C GLN A 181 -6.40 0.54 -7.99
N LEU A 182 -5.54 -0.13 -7.21
CA LEU A 182 -5.65 -1.58 -7.09
C LEU A 182 -6.92 -1.99 -6.36
N ALA A 183 -7.42 -1.14 -5.47
CA ALA A 183 -8.71 -1.41 -4.83
C ALA A 183 -9.84 -1.38 -5.85
N LEU A 184 -9.73 -0.52 -6.86
CA LEU A 184 -10.73 -0.51 -7.93
C LEU A 184 -10.51 -1.64 -8.93
N CYS A 185 -9.24 -1.95 -9.21
CA CYS A 185 -8.93 -3.07 -10.11
C CYS A 185 -9.42 -4.38 -9.52
N ILE A 186 -9.20 -4.59 -8.22
CA ILE A 186 -9.68 -5.81 -7.60
C ILE A 186 -11.18 -5.77 -7.35
N MET A 187 -11.77 -4.57 -7.27
CA MET A 187 -13.22 -4.47 -7.18
C MET A 187 -13.88 -4.87 -8.49
N LEU A 188 -13.26 -4.51 -9.61
CA LEU A 188 -13.75 -4.97 -10.91
C LEU A 188 -13.58 -6.48 -11.06
N ILE A 189 -12.45 -7.01 -10.57
CA ILE A 189 -12.26 -8.45 -10.58
C ILE A 189 -13.30 -9.14 -9.71
N PHE A 190 -13.50 -8.61 -8.50
CA PHE A 190 -14.56 -9.13 -7.63
C PHE A 190 -15.94 -8.95 -8.26
N THR A 191 -16.09 -7.99 -9.17
CA THR A 191 -17.35 -7.86 -9.90
C THR A 191 -17.44 -8.87 -11.04
N VAL A 192 -16.35 -9.06 -11.79
CA VAL A 192 -16.40 -9.98 -12.92
C VAL A 192 -16.43 -11.43 -12.45
N ILE A 193 -15.89 -11.71 -11.26
CA ILE A 193 -16.09 -13.04 -10.69
C ILE A 193 -17.47 -13.12 -10.04
N TYR A 194 -18.04 -12.00 -9.62
CA TYR A 194 -19.38 -11.99 -9.07
C TYR A 194 -20.40 -12.47 -10.09
N PHE A 195 -20.35 -11.90 -11.29
CA PHE A 195 -21.28 -12.27 -12.35
C PHE A 195 -20.94 -13.60 -13.01
N SER A 196 -19.74 -14.13 -12.76
CA SER A 196 -19.34 -15.43 -13.28
C SER A 196 -19.54 -16.57 -12.28
N ILE A 197 -20.09 -16.27 -11.10
CA ILE A 197 -20.20 -17.22 -10.00
C ILE A 197 -21.65 -17.27 -9.52
N TRP A 198 -22.18 -16.12 -9.14
CA TRP A 198 -23.40 -15.97 -8.34
C TRP A 198 -24.53 -16.90 -8.76
N LYS A 199 -24.70 -17.12 -10.06
CA LYS A 199 -25.76 -18.02 -10.51
C LYS A 199 -25.44 -19.47 -10.12
N GLY A 200 -24.27 -19.95 -10.48
CA GLY A 200 -23.87 -21.30 -10.13
C GLY A 200 -22.87 -21.83 -11.13
N VAL A 201 -22.81 -23.17 -11.21
CA VAL A 201 -21.90 -23.82 -12.16
C VAL A 201 -22.32 -23.58 -13.60
N LYS A 202 -23.55 -23.12 -13.84
CA LYS A 202 -24.00 -22.86 -15.19
C LYS A 202 -23.25 -21.67 -15.80
N THR A 203 -23.15 -20.57 -15.05
CA THR A 203 -22.42 -19.41 -15.55
C THR A 203 -20.92 -19.62 -15.50
N SER A 204 -20.42 -20.29 -14.45
CA SER A 204 -18.99 -20.52 -14.34
C SER A 204 -18.48 -21.37 -15.49
N GLY A 205 -19.23 -22.41 -15.87
CA GLY A 205 -18.82 -23.24 -16.99
C GLY A 205 -18.80 -22.51 -18.32
N LYS A 206 -19.69 -21.52 -18.49
CA LYS A 206 -19.72 -20.76 -19.74
C LYS A 206 -18.62 -19.70 -19.77
N VAL A 207 -18.38 -19.03 -18.65
CA VAL A 207 -17.29 -18.05 -18.60
C VAL A 207 -15.94 -18.76 -18.69
N VAL A 208 -15.86 -20.01 -18.23
CA VAL A 208 -14.62 -20.78 -18.34
C VAL A 208 -14.23 -20.98 -19.79
N TRP A 209 -15.21 -21.07 -20.69
CA TRP A 209 -14.92 -21.22 -22.12
C TRP A 209 -13.93 -20.16 -22.60
N VAL A 210 -14.11 -18.91 -22.16
CA VAL A 210 -13.19 -17.84 -22.54
C VAL A 210 -11.94 -17.87 -21.68
N THR A 211 -12.09 -18.10 -20.38
CA THR A 211 -10.96 -17.92 -19.47
C THR A 211 -9.96 -19.07 -19.57
N ALA A 212 -10.42 -20.28 -19.90
CA ALA A 212 -9.51 -21.40 -20.02
C ALA A 212 -8.79 -21.43 -21.36
N THR A 213 -9.51 -21.07 -22.44
CA THR A 213 -8.97 -21.23 -23.79
C THR A 213 -8.01 -20.11 -24.17
N PHE A 214 -8.31 -18.87 -23.77
CA PHE A 214 -7.51 -17.74 -24.21
C PHE A 214 -6.03 -17.83 -23.83
N PRO A 215 -5.64 -18.27 -22.63
CA PRO A 215 -4.20 -18.36 -22.33
C PRO A 215 -3.42 -19.18 -23.33
N TYR A 216 -3.98 -20.29 -23.82
CA TYR A 216 -3.28 -21.10 -24.81
C TYR A 216 -3.07 -20.34 -26.11
N ILE A 217 -4.01 -19.44 -26.46
CA ILE A 217 -3.81 -18.60 -27.64
C ILE A 217 -2.71 -17.59 -27.38
N ALA A 218 -2.77 -16.89 -26.24
CA ALA A 218 -1.73 -15.93 -25.90
C ALA A 218 -0.38 -16.62 -25.72
N LEU A 219 -0.38 -17.82 -25.11
CA LEU A 219 0.86 -18.59 -25.02
C LEU A 219 1.36 -18.97 -26.41
N SER A 220 0.46 -19.35 -27.31
CA SER A 220 0.86 -19.71 -28.66
C SER A 220 1.36 -18.50 -29.43
N VAL A 221 0.72 -17.34 -29.25
CA VAL A 221 1.19 -16.13 -29.91
C VAL A 221 2.56 -15.74 -29.39
N LEU A 222 2.73 -15.74 -28.07
CA LEU A 222 4.04 -15.49 -27.49
C LEU A 222 5.03 -16.61 -27.76
N LEU A 223 4.54 -17.82 -28.05
CA LEU A 223 5.42 -18.91 -28.46
C LEU A 223 5.99 -18.66 -29.84
N VAL A 224 5.12 -18.35 -30.80
CA VAL A 224 5.57 -18.03 -32.15
C VAL A 224 6.36 -16.72 -32.16
N ARG A 225 5.96 -15.76 -31.33
CA ARG A 225 6.72 -14.53 -31.20
C ARG A 225 8.08 -14.79 -30.57
N GLY A 226 8.10 -15.52 -29.44
CA GLY A 226 9.35 -15.80 -28.77
C GLY A 226 10.29 -16.67 -29.59
N ALA A 227 9.74 -17.50 -30.47
CA ALA A 227 10.58 -18.38 -31.28
C ALA A 227 11.30 -17.58 -32.37
N THR A 228 10.60 -16.62 -32.98
CA THR A 228 11.19 -15.83 -34.05
C THR A 228 12.20 -14.81 -33.53
N LEU A 229 12.33 -14.65 -32.22
CA LEU A 229 13.24 -13.66 -31.68
C LEU A 229 14.69 -14.12 -31.85
N PRO A 230 15.60 -13.21 -32.18
CA PRO A 230 17.01 -13.59 -32.31
C PRO A 230 17.63 -13.91 -30.96
N GLY A 231 18.42 -14.98 -30.93
CA GLY A 231 19.09 -15.39 -29.71
C GLY A 231 18.19 -15.96 -28.65
N ALA A 232 17.00 -16.43 -29.03
CA ALA A 232 16.08 -17.02 -28.06
C ALA A 232 16.50 -18.41 -27.62
N TRP A 233 17.51 -19.01 -28.26
CA TRP A 233 17.94 -20.35 -27.92
C TRP A 233 18.68 -20.41 -26.60
N ARG A 234 19.27 -19.29 -26.15
CA ARG A 234 19.99 -19.28 -24.88
C ARG A 234 19.07 -19.59 -23.72
N GLY A 235 17.89 -18.97 -23.71
CA GLY A 235 16.92 -19.28 -22.67
C GLY A 235 16.47 -20.73 -22.73
N VAL A 236 16.16 -21.22 -23.92
CA VAL A 236 15.74 -22.61 -24.08
C VAL A 236 16.88 -23.55 -23.73
N LEU A 237 18.11 -23.17 -24.08
CA LEU A 237 19.27 -23.97 -23.67
C LEU A 237 19.35 -24.07 -22.15
N PHE A 238 19.42 -22.91 -21.47
CA PHE A 238 19.42 -22.91 -20.02
C PHE A 238 18.16 -23.54 -19.44
N TYR A 239 17.06 -23.52 -20.20
CA TYR A 239 15.82 -24.14 -19.75
C TYR A 239 15.93 -25.66 -19.77
N LEU A 240 16.31 -26.23 -20.90
CA LEU A 240 16.34 -27.68 -21.08
C LEU A 240 17.71 -28.31 -20.90
N LYS A 241 18.74 -27.56 -20.57
CA LYS A 241 20.06 -28.17 -20.42
C LYS A 241 20.06 -29.15 -19.26
N PRO A 242 20.22 -30.45 -19.49
CA PRO A 242 20.15 -31.40 -18.37
C PRO A 242 21.35 -31.26 -17.45
N ASN A 243 21.07 -31.16 -16.15
CA ASN A 243 22.09 -31.36 -15.11
C ASN A 243 21.65 -32.57 -14.30
N TRP A 244 22.34 -33.69 -14.49
CA TRP A 244 21.96 -34.91 -13.78
C TRP A 244 22.55 -34.99 -12.38
N GLN A 245 23.57 -34.18 -12.09
CA GLN A 245 24.11 -34.13 -10.74
C GLN A 245 23.14 -33.44 -9.79
N LYS A 246 22.29 -32.56 -10.31
CA LYS A 246 21.26 -31.93 -9.49
C LYS A 246 20.21 -32.92 -9.03
N LEU A 247 20.04 -34.05 -9.74
CA LEU A 247 19.09 -35.06 -9.31
C LEU A 247 19.56 -35.78 -8.04
N LEU A 248 20.87 -35.77 -7.77
CA LEU A 248 21.37 -36.36 -6.52
C LEU A 248 20.98 -35.53 -5.31
N GLU A 249 20.62 -34.26 -5.50
CA GLU A 249 20.18 -33.44 -4.39
C GLU A 249 18.84 -33.94 -3.87
N THR A 250 18.76 -34.13 -2.56
CA THR A 250 17.51 -34.59 -1.95
C THR A 250 16.41 -33.53 -2.02
N GLY A 251 16.74 -32.29 -2.35
CA GLY A 251 15.76 -31.22 -2.38
C GLY A 251 14.99 -31.11 -3.68
N VAL A 252 15.59 -31.52 -4.80
CA VAL A 252 14.94 -31.32 -6.09
C VAL A 252 13.70 -32.20 -6.21
N TRP A 253 13.70 -33.37 -5.56
CA TRP A 253 12.48 -34.18 -5.54
C TRP A 253 11.39 -33.52 -4.72
N ILE A 254 11.78 -32.85 -3.62
CA ILE A 254 10.82 -32.08 -2.82
C ILE A 254 10.26 -30.94 -3.65
N ASP A 255 11.12 -30.26 -4.41
CA ASP A 255 10.64 -29.19 -5.28
C ASP A 255 9.70 -29.72 -6.35
N ALA A 256 9.98 -30.92 -6.88
CA ALA A 256 9.09 -31.53 -7.86
C ALA A 256 7.80 -32.01 -7.21
N ALA A 257 7.90 -32.55 -5.99
CA ALA A 257 6.70 -33.02 -5.30
C ALA A 257 5.79 -31.85 -4.93
N ALA A 258 6.36 -30.76 -4.43
CA ALA A 258 5.55 -29.60 -4.08
C ALA A 258 4.98 -28.91 -5.31
N GLN A 259 5.75 -28.88 -6.41
CA GLN A 259 5.28 -28.21 -7.62
C GLN A 259 4.05 -28.91 -8.20
N ILE A 260 4.11 -30.24 -8.32
CA ILE A 260 3.00 -30.95 -8.95
C ILE A 260 1.76 -30.93 -8.06
N PHE A 261 1.93 -30.93 -6.74
CA PHE A 261 0.77 -30.87 -5.84
C PHE A 261 0.06 -29.52 -5.96
N PHE A 262 0.79 -28.43 -5.73
CA PHE A 262 0.17 -27.12 -5.72
C PHE A 262 -0.29 -26.66 -7.10
N SER A 263 0.20 -27.30 -8.15
CA SER A 263 -0.32 -27.02 -9.48
C SER A 263 -1.64 -27.73 -9.72
N LEU A 264 -1.75 -28.99 -9.29
CA LEU A 264 -3.01 -29.72 -9.39
C LEU A 264 -3.97 -29.34 -8.26
N GLY A 265 -3.44 -29.14 -7.05
CA GLY A 265 -4.23 -28.78 -5.90
C GLY A 265 -5.30 -29.78 -5.52
N PRO A 266 -4.93 -31.03 -5.29
CA PRO A 266 -5.91 -32.02 -4.83
C PRO A 266 -6.24 -31.84 -3.37
N GLY A 267 -7.37 -32.43 -2.97
CA GLY A 267 -7.81 -32.38 -1.59
C GLY A 267 -8.18 -31.01 -1.08
N PHE A 268 -8.39 -30.04 -1.96
CA PHE A 268 -8.79 -28.70 -1.57
C PHE A 268 -10.30 -28.53 -1.56
N GLY A 269 -11.06 -29.55 -1.94
CA GLY A 269 -12.50 -29.47 -1.98
C GLY A 269 -13.07 -28.74 -3.17
N VAL A 270 -12.22 -28.04 -3.94
CA VAL A 270 -12.70 -27.39 -5.16
C VAL A 270 -13.01 -28.43 -6.22
N LEU A 271 -12.07 -29.36 -6.45
CA LEU A 271 -12.35 -30.49 -7.33
C LEU A 271 -13.50 -31.33 -6.79
N LEU A 272 -13.66 -31.37 -5.47
CA LEU A 272 -14.80 -32.05 -4.86
C LEU A 272 -16.10 -31.36 -5.23
N ALA A 273 -16.10 -30.03 -5.25
CA ALA A 273 -17.31 -29.28 -5.58
C ALA A 273 -17.64 -29.38 -7.06
N PHE A 274 -16.63 -29.33 -7.92
CA PHE A 274 -16.87 -29.42 -9.36
C PHE A 274 -17.40 -30.79 -9.76
N ALA A 275 -16.96 -31.85 -9.08
CA ALA A 275 -17.44 -33.19 -9.38
C ALA A 275 -18.83 -33.47 -8.81
N SER A 276 -19.22 -32.77 -7.74
CA SER A 276 -20.50 -33.02 -7.10
C SER A 276 -21.66 -32.77 -8.06
N TYR A 277 -21.48 -31.88 -9.03
CA TYR A 277 -22.53 -31.51 -9.97
C TYR A 277 -22.52 -32.33 -11.25
N ASN A 278 -21.68 -33.36 -11.35
CA ASN A 278 -21.63 -34.16 -12.56
C ASN A 278 -22.60 -35.33 -12.46
N LYS A 279 -22.68 -36.12 -13.54
CA LYS A 279 -23.60 -37.24 -13.63
C LYS A 279 -23.03 -38.47 -12.92
N PHE A 280 -23.92 -39.24 -12.29
CA PHE A 280 -23.49 -40.47 -11.62
C PHE A 280 -23.00 -41.51 -12.61
N ASN A 281 -23.73 -41.69 -13.72
CA ASN A 281 -23.29 -42.64 -14.74
C ASN A 281 -22.04 -42.18 -15.47
N ASN A 282 -21.69 -40.90 -15.35
CA ASN A 282 -20.55 -40.35 -16.09
C ASN A 282 -19.23 -40.87 -15.53
N ASN A 283 -18.24 -40.98 -16.41
CA ASN A 283 -16.93 -41.52 -16.08
C ASN A 283 -15.97 -40.38 -15.73
N CYS A 284 -15.45 -40.42 -14.50
CA CYS A 284 -14.48 -39.43 -14.05
C CYS A 284 -13.03 -39.90 -14.15
N TYR A 285 -12.78 -41.14 -14.56
CA TYR A 285 -11.41 -41.64 -14.63
C TYR A 285 -10.67 -41.02 -15.81
N GLN A 286 -11.27 -41.08 -17.00
CA GLN A 286 -10.65 -40.47 -18.17
C GLN A 286 -10.49 -38.97 -18.00
N ASP A 287 -11.40 -38.34 -17.24
CA ASP A 287 -11.31 -36.91 -16.99
C ASP A 287 -10.03 -36.55 -16.23
N ALA A 288 -9.86 -37.16 -15.06
CA ALA A 288 -8.73 -36.78 -14.19
C ALA A 288 -7.39 -37.07 -14.87
N LEU A 289 -7.32 -38.15 -15.64
CA LEU A 289 -6.09 -38.49 -16.36
C LEU A 289 -5.69 -37.35 -17.30
N VAL A 290 -6.54 -37.07 -18.30
CA VAL A 290 -6.18 -36.08 -19.31
C VAL A 290 -6.10 -34.68 -18.72
N THR A 291 -6.90 -34.38 -17.70
CA THR A 291 -6.91 -33.03 -17.13
C THR A 291 -5.55 -32.69 -16.52
N SER A 292 -4.95 -33.64 -15.81
CA SER A 292 -3.65 -33.38 -15.19
C SER A 292 -2.55 -33.27 -16.25
N VAL A 293 -2.65 -34.05 -17.33
CA VAL A 293 -1.66 -33.98 -18.40
C VAL A 293 -1.69 -32.61 -19.06
N VAL A 294 -2.88 -32.02 -19.19
CA VAL A 294 -2.98 -30.68 -19.77
C VAL A 294 -2.26 -29.68 -18.90
N ASN A 295 -2.44 -29.75 -17.58
CA ASN A 295 -1.77 -28.84 -16.67
C ASN A 295 -0.25 -28.98 -16.77
N CYS A 296 0.24 -30.21 -16.92
CA CYS A 296 1.67 -30.44 -17.03
C CYS A 296 2.19 -30.06 -18.41
N MET A 297 1.47 -30.44 -19.47
CA MET A 297 1.88 -30.08 -20.82
C MET A 297 1.79 -28.58 -21.05
N THR A 298 0.80 -27.92 -20.47
CA THR A 298 0.72 -26.47 -20.57
C THR A 298 1.92 -25.81 -19.91
N SER A 299 2.28 -26.26 -18.72
CA SER A 299 3.49 -25.76 -18.06
C SER A 299 4.73 -26.06 -18.88
N PHE A 300 4.75 -27.18 -19.59
CA PHE A 300 5.89 -27.52 -20.43
C PHE A 300 6.02 -26.56 -21.61
N VAL A 301 4.91 -26.32 -22.32
CA VAL A 301 4.95 -25.37 -23.43
C VAL A 301 5.05 -23.94 -22.91
N SER A 302 4.52 -23.67 -21.72
CA SER A 302 4.72 -22.36 -21.11
C SER A 302 6.19 -22.14 -20.77
N GLY A 303 6.94 -23.21 -20.56
CA GLY A 303 8.38 -23.07 -20.35
C GLY A 303 9.07 -22.48 -21.55
N PHE A 304 8.67 -22.89 -22.75
CA PHE A 304 9.25 -22.31 -23.95
C PHE A 304 8.75 -20.88 -24.16
N VAL A 305 7.48 -20.62 -23.82
CA VAL A 305 6.94 -19.27 -23.97
C VAL A 305 7.74 -18.27 -23.14
N ILE A 306 8.08 -18.65 -21.91
CA ILE A 306 8.80 -17.73 -21.02
C ILE A 306 10.27 -17.63 -21.42
N PHE A 307 10.92 -18.77 -21.63
CA PHE A 307 12.37 -18.76 -21.80
C PHE A 307 12.82 -18.39 -23.20
N THR A 308 11.94 -18.49 -24.20
CA THR A 308 12.28 -17.93 -25.52
C THR A 308 12.43 -16.42 -25.43
N VAL A 309 11.46 -15.76 -24.79
CA VAL A 309 11.55 -14.32 -24.58
C VAL A 309 12.66 -14.01 -23.57
N LEU A 310 12.85 -14.87 -22.58
CA LEU A 310 13.97 -14.70 -21.65
C LEU A 310 15.30 -14.94 -22.36
N GLY A 311 15.33 -15.82 -23.36
CA GLY A 311 16.55 -16.01 -24.12
C GLY A 311 16.87 -14.82 -25.00
N TYR A 312 15.86 -14.25 -25.66
CA TYR A 312 16.06 -13.03 -26.43
C TYR A 312 16.44 -11.86 -25.54
N MET A 313 15.87 -11.80 -24.34
CA MET A 313 16.24 -10.76 -23.40
C MET A 313 17.69 -10.91 -22.95
N ALA A 314 18.16 -12.15 -22.82
CA ALA A 314 19.57 -12.39 -22.54
C ALA A 314 20.46 -12.21 -23.76
N GLU A 315 19.87 -12.13 -24.96
CA GLU A 315 20.65 -11.89 -26.16
C GLU A 315 21.00 -10.41 -26.32
N MET A 316 20.05 -9.52 -26.03
CA MET A 316 20.36 -8.09 -26.06
C MET A 316 21.31 -7.71 -24.93
N ARG A 317 21.13 -8.32 -23.76
CA ARG A 317 22.14 -8.28 -22.70
C ARG A 317 23.19 -9.32 -23.01
N ASN A 318 24.09 -9.62 -22.08
CA ASN A 318 25.11 -10.64 -22.34
C ASN A 318 24.74 -11.91 -21.58
N GLU A 319 24.15 -12.85 -22.31
CA GLU A 319 23.96 -14.27 -21.99
C GLU A 319 23.52 -14.57 -20.57
N ASP A 320 23.98 -15.73 -20.07
CA ASP A 320 23.64 -16.28 -18.76
C ASP A 320 22.21 -15.97 -18.35
N VAL A 321 21.25 -16.60 -19.01
CA VAL A 321 19.84 -16.35 -18.79
C VAL A 321 19.49 -16.51 -17.31
N SER A 322 20.33 -17.24 -16.58
CA SER A 322 20.14 -17.37 -15.14
C SER A 322 20.16 -16.03 -14.44
N GLU A 323 21.01 -15.10 -14.88
CA GLU A 323 21.13 -13.82 -14.19
C GLU A 323 19.92 -12.94 -14.44
N VAL A 324 19.40 -12.94 -15.68
CA VAL A 324 18.16 -12.21 -15.94
C VAL A 324 16.96 -12.95 -15.34
N ALA A 325 17.10 -14.25 -15.09
CA ALA A 325 16.09 -15.05 -14.41
C ALA A 325 16.32 -15.14 -12.90
N LYS A 326 17.30 -14.37 -12.38
CA LYS A 326 17.64 -14.37 -10.96
C LYS A 326 16.41 -14.33 -10.06
N ASP A 327 15.69 -13.21 -10.10
CA ASP A 327 14.52 -13.02 -9.25
C ASP A 327 13.33 -13.77 -9.84
N ALA A 328 12.77 -14.69 -9.06
CA ALA A 328 11.60 -15.46 -9.46
C ALA A 328 10.39 -14.97 -8.68
N GLY A 329 9.32 -14.65 -9.40
CA GLY A 329 8.13 -14.10 -8.80
C GLY A 329 7.35 -13.26 -9.78
N PRO A 330 6.57 -12.30 -9.27
CA PRO A 330 5.91 -11.36 -10.18
C PRO A 330 6.88 -10.50 -10.97
N SER A 331 8.09 -10.28 -10.45
CA SER A 331 9.07 -9.47 -11.15
C SER A 331 9.50 -10.10 -12.47
N LEU A 332 9.44 -11.44 -12.57
CA LEU A 332 9.80 -12.10 -13.81
C LEU A 332 8.85 -11.72 -14.93
N LEU A 333 7.54 -11.79 -14.68
CA LEU A 333 6.55 -11.44 -15.69
C LEU A 333 6.35 -9.92 -15.78
N PHE A 334 6.26 -9.25 -14.63
CA PHE A 334 5.89 -7.84 -14.62
C PHE A 334 7.05 -6.89 -14.94
N ILE A 335 8.29 -7.35 -14.80
CA ILE A 335 9.43 -6.47 -15.06
C ILE A 335 10.25 -7.03 -16.22
N THR A 336 10.87 -8.19 -16.02
CA THR A 336 11.74 -8.75 -17.05
C THR A 336 10.97 -9.09 -18.31
N TYR A 337 9.88 -9.85 -18.17
CA TYR A 337 9.09 -10.21 -19.34
C TYR A 337 8.39 -9.00 -19.95
N ALA A 338 8.00 -8.03 -19.12
CA ALA A 338 7.35 -6.83 -19.65
C ALA A 338 8.36 -5.92 -20.34
N GLU A 339 9.57 -5.78 -19.77
CA GLU A 339 10.61 -5.00 -20.43
C GLU A 339 11.11 -5.71 -21.69
N ALA A 340 11.00 -7.03 -21.74
CA ALA A 340 11.42 -7.77 -22.93
C ALA A 340 10.42 -7.58 -24.06
N ILE A 341 9.12 -7.64 -23.77
CA ILE A 341 8.10 -7.44 -24.80
C ILE A 341 7.92 -5.98 -25.17
N ALA A 342 8.50 -5.06 -24.41
CA ALA A 342 8.43 -3.64 -24.76
C ALA A 342 9.41 -3.28 -25.86
N ASN A 343 10.43 -4.09 -26.09
CA ASN A 343 11.44 -3.85 -27.13
C ASN A 343 11.07 -4.50 -28.46
N MET A 344 9.86 -5.05 -28.59
CA MET A 344 9.47 -5.78 -29.77
C MET A 344 8.42 -5.00 -30.55
N PRO A 345 8.33 -5.20 -31.87
CA PRO A 345 7.37 -4.42 -32.68
C PRO A 345 5.94 -4.72 -32.29
N ALA A 346 5.09 -3.71 -32.43
CA ALA A 346 3.68 -3.78 -32.00
C ALA A 346 3.59 -4.24 -30.55
N SER A 347 4.39 -3.59 -29.69
CA SER A 347 4.46 -3.95 -28.28
C SER A 347 3.13 -3.79 -27.56
N THR A 348 2.26 -2.90 -28.04
CA THR A 348 0.94 -2.76 -27.42
C THR A 348 0.13 -4.03 -27.57
N PHE A 349 0.26 -4.71 -28.71
CA PHE A 349 -0.49 -5.95 -28.94
C PHE A 349 -0.05 -7.04 -27.96
N PHE A 350 1.26 -7.31 -27.90
CA PHE A 350 1.74 -8.41 -27.05
C PHE A 350 1.62 -8.07 -25.57
N ALA A 351 1.66 -6.79 -25.21
CA ALA A 351 1.52 -6.41 -23.82
C ALA A 351 0.08 -6.58 -23.34
N ILE A 352 -0.90 -6.18 -24.16
CA ILE A 352 -2.30 -6.33 -23.79
C ILE A 352 -2.64 -7.81 -23.62
N ILE A 353 -2.32 -8.62 -24.62
CA ILE A 353 -2.64 -10.04 -24.55
C ILE A 353 -1.84 -10.76 -23.48
N PHE A 354 -0.74 -10.18 -23.00
CA PHE A 354 0.04 -10.79 -21.93
C PHE A 354 -0.65 -10.62 -20.58
N PHE A 355 -0.80 -9.37 -20.14
CA PHE A 355 -1.44 -9.12 -18.85
C PHE A 355 -2.90 -9.56 -18.85
N LEU A 356 -3.57 -9.49 -20.00
CA LEU A 356 -4.91 -10.08 -20.11
C LEU A 356 -4.86 -11.58 -19.88
N MET A 357 -3.86 -12.25 -20.47
CA MET A 357 -3.65 -13.67 -20.20
C MET A 357 -3.45 -13.91 -18.70
N LEU A 358 -2.68 -13.04 -18.05
CA LEU A 358 -2.47 -13.18 -16.61
C LEU A 358 -3.79 -13.07 -15.85
N ILE A 359 -4.61 -12.07 -16.19
CA ILE A 359 -5.95 -12.00 -15.63
C ILE A 359 -6.76 -13.22 -16.06
N THR A 360 -6.59 -13.65 -17.31
CA THR A 360 -7.33 -14.80 -17.81
C THR A 360 -6.90 -16.08 -17.11
N LEU A 361 -5.64 -16.15 -16.67
CA LEU A 361 -5.16 -17.33 -15.95
C LEU A 361 -5.64 -17.35 -14.50
N GLY A 362 -5.86 -16.18 -13.91
CA GLY A 362 -6.27 -16.13 -12.51
C GLY A 362 -7.77 -16.08 -12.32
N LEU A 363 -8.51 -15.70 -13.37
CA LEU A 363 -9.96 -15.63 -13.27
C LEU A 363 -10.56 -17.01 -13.05
N ASP A 364 -10.20 -17.97 -13.89
CA ASP A 364 -10.79 -19.30 -13.81
C ASP A 364 -10.43 -19.99 -12.50
N SER A 365 -9.18 -19.84 -12.05
CA SER A 365 -8.78 -20.44 -10.78
C SER A 365 -9.47 -19.78 -9.60
N SER A 366 -9.80 -18.49 -9.72
CA SER A 366 -10.52 -17.80 -8.65
C SER A 366 -12.00 -18.15 -8.66
N PHE A 367 -12.58 -18.42 -9.82
CA PHE A 367 -13.96 -18.89 -9.89
C PHE A 367 -14.12 -20.17 -9.06
N ALA A 368 -13.25 -21.16 -9.31
CA ALA A 368 -13.39 -22.45 -8.65
C ALA A 368 -13.03 -22.37 -7.17
N GLY A 369 -12.02 -21.56 -6.83
CA GLY A 369 -11.65 -21.42 -5.43
C GLY A 369 -12.79 -20.98 -4.55
N LEU A 370 -13.58 -20.02 -5.02
CA LEU A 370 -14.80 -19.65 -4.32
C LEU A 370 -15.89 -20.69 -4.51
N GLU A 371 -15.94 -21.32 -5.69
CA GLU A 371 -16.97 -22.32 -5.96
C GLU A 371 -16.89 -23.49 -4.99
N GLY A 372 -15.67 -23.89 -4.62
CA GLY A 372 -15.52 -24.99 -3.68
C GLY A 372 -16.06 -24.66 -2.30
N VAL A 373 -15.80 -23.44 -1.82
CA VAL A 373 -16.27 -23.03 -0.51
C VAL A 373 -17.76 -22.73 -0.54
N ILE A 374 -18.23 -22.09 -1.62
CA ILE A 374 -19.66 -21.80 -1.75
C ILE A 374 -20.47 -23.09 -1.78
N THR A 375 -20.03 -24.05 -2.59
CA THR A 375 -20.69 -25.35 -2.62
C THR A 375 -20.59 -26.06 -1.27
N ALA A 376 -19.48 -25.86 -0.55
CA ALA A 376 -19.32 -26.50 0.76
C ALA A 376 -20.37 -26.00 1.75
N VAL A 377 -20.52 -24.67 1.86
CA VAL A 377 -21.43 -24.12 2.86
C VAL A 377 -22.88 -24.28 2.43
N LEU A 378 -23.16 -24.20 1.13
CA LEU A 378 -24.52 -24.39 0.66
C LEU A 378 -25.00 -25.83 0.91
N ASP A 379 -24.12 -26.81 0.68
CA ASP A 379 -24.48 -28.20 0.96
C ASP A 379 -24.46 -28.48 2.46
N GLU A 380 -23.65 -27.73 3.23
CA GLU A 380 -23.59 -27.94 4.66
C GLU A 380 -24.78 -27.31 5.38
N PHE A 381 -25.28 -26.18 4.88
CA PHE A 381 -26.42 -25.48 5.47
C PHE A 381 -27.53 -25.34 4.44
N PRO A 382 -28.16 -26.44 4.04
CA PRO A 382 -29.24 -26.36 3.06
C PRO A 382 -30.54 -25.88 3.69
N HIS A 383 -31.30 -25.10 2.90
CA HIS A 383 -32.60 -24.56 3.26
C HIS A 383 -32.50 -23.51 4.36
N VAL A 384 -31.38 -23.48 5.09
CA VAL A 384 -30.98 -22.28 5.80
C VAL A 384 -30.19 -21.37 4.87
N TRP A 385 -29.69 -21.91 3.77
CA TRP A 385 -29.13 -21.18 2.65
C TRP A 385 -29.87 -21.59 1.39
N ALA A 386 -29.37 -21.12 0.24
CA ALA A 386 -29.92 -21.33 -1.09
C ALA A 386 -31.19 -20.53 -1.34
N LYS A 387 -31.69 -19.78 -0.35
CA LYS A 387 -32.77 -18.84 -0.60
C LYS A 387 -32.44 -17.92 -1.77
N ARG A 388 -31.20 -17.42 -1.79
CA ARG A 388 -30.61 -16.83 -2.99
C ARG A 388 -29.12 -17.14 -2.96
N ARG A 389 -28.57 -17.57 -4.09
CA ARG A 389 -27.13 -17.84 -4.12
C ARG A 389 -26.33 -16.56 -4.24
N GLU A 390 -26.86 -15.55 -4.94
CA GLU A 390 -26.18 -14.27 -5.03
C GLU A 390 -26.01 -13.61 -3.67
N ARG A 391 -26.80 -14.02 -2.68
CA ARG A 391 -26.64 -13.48 -1.33
C ARG A 391 -25.39 -14.03 -0.66
N PHE A 392 -25.19 -15.35 -0.73
CA PHE A 392 -24.00 -15.94 -0.11
C PHE A 392 -22.75 -15.66 -0.94
N VAL A 393 -22.90 -15.52 -2.26
CA VAL A 393 -21.75 -15.21 -3.10
C VAL A 393 -21.29 -13.78 -2.85
N LEU A 394 -22.23 -12.84 -2.75
CA LEU A 394 -21.85 -11.45 -2.48
C LEU A 394 -21.18 -11.32 -1.11
N ALA A 395 -21.61 -12.12 -0.14
CA ALA A 395 -21.04 -12.04 1.20
C ALA A 395 -19.60 -12.52 1.21
N VAL A 396 -19.31 -13.64 0.53
CA VAL A 396 -17.96 -14.16 0.54
C VAL A 396 -17.06 -13.34 -0.38
N VAL A 397 -17.62 -12.68 -1.40
CA VAL A 397 -16.80 -11.89 -2.31
C VAL A 397 -16.35 -10.59 -1.65
N ILE A 398 -17.29 -9.87 -1.02
CA ILE A 398 -16.93 -8.61 -0.37
C ILE A 398 -16.07 -8.87 0.86
N THR A 399 -16.20 -10.05 1.47
CA THR A 399 -15.32 -10.41 2.58
C THR A 399 -13.88 -10.54 2.09
N CYS A 400 -13.68 -11.13 0.91
CA CYS A 400 -12.36 -11.19 0.32
C CYS A 400 -11.84 -9.81 -0.08
N PHE A 401 -12.73 -8.84 -0.28
CA PHE A 401 -12.28 -7.49 -0.57
C PHE A 401 -11.71 -6.83 0.68
N PHE A 402 -12.43 -6.94 1.80
CA PHE A 402 -11.89 -6.44 3.07
C PHE A 402 -10.64 -7.22 3.48
N GLY A 403 -10.61 -8.52 3.18
CA GLY A 403 -9.39 -9.28 3.42
C GLY A 403 -8.25 -8.87 2.52
N SER A 404 -8.57 -8.39 1.31
CA SER A 404 -7.55 -7.89 0.40
C SER A 404 -7.16 -6.44 0.68
N LEU A 405 -7.93 -5.72 1.50
CA LEU A 405 -7.57 -4.35 1.84
C LEU A 405 -6.19 -4.29 2.51
N VAL A 406 -5.83 -5.32 3.26
CA VAL A 406 -4.47 -5.41 3.77
C VAL A 406 -3.49 -5.64 2.63
N THR A 407 -3.91 -6.36 1.60
CA THR A 407 -3.05 -6.65 0.47
C THR A 407 -2.99 -5.52 -0.55
N LEU A 408 -3.93 -4.58 -0.50
CA LEU A 408 -3.97 -3.46 -1.43
C LEU A 408 -3.10 -2.29 -0.98
N THR A 409 -2.39 -2.43 0.14
CA THR A 409 -1.58 -1.35 0.67
C THR A 409 -0.30 -1.19 -0.16
N PHE A 410 0.52 -0.22 0.23
CA PHE A 410 1.81 -0.01 -0.43
C PHE A 410 2.72 -1.21 -0.21
N GLY A 411 2.84 -1.67 1.03
CA GLY A 411 3.57 -2.87 1.34
C GLY A 411 2.73 -4.11 1.18
N GLY A 412 1.62 -3.99 0.46
CA GLY A 412 0.76 -5.14 0.21
C GLY A 412 1.47 -6.28 -0.50
N ALA A 413 2.46 -5.94 -1.34
CA ALA A 413 3.25 -6.98 -2.00
C ALA A 413 4.07 -7.79 -0.99
N TYR A 414 4.46 -7.16 0.11
CA TYR A 414 5.13 -7.91 1.17
C TYR A 414 4.20 -8.94 1.78
N VAL A 415 2.91 -8.59 1.92
CA VAL A 415 1.95 -9.52 2.52
C VAL A 415 1.62 -10.66 1.55
N VAL A 416 1.75 -10.41 0.23
CA VAL A 416 1.49 -11.46 -0.75
C VAL A 416 2.43 -12.64 -0.52
N LYS A 417 3.72 -12.35 -0.33
CA LYS A 417 4.69 -13.42 -0.15
C LYS A 417 4.58 -14.06 1.23
N LEU A 418 4.21 -13.26 2.24
CA LEU A 418 4.05 -13.80 3.58
C LEU A 418 2.92 -14.83 3.63
N LEU A 419 1.82 -14.56 2.93
CA LEU A 419 0.69 -15.48 2.92
C LEU A 419 0.89 -16.65 1.97
N GLU A 420 1.57 -16.42 0.84
CA GLU A 420 1.72 -17.47 -0.16
C GLU A 420 2.65 -18.58 0.34
N GLU A 421 3.71 -18.21 1.06
CA GLU A 421 4.69 -19.18 1.55
C GLU A 421 4.30 -19.75 2.91
N TYR A 422 4.23 -18.89 3.93
CA TYR A 422 4.03 -19.37 5.30
C TYR A 422 2.63 -19.91 5.52
N ALA A 423 1.61 -19.22 5.01
CA ALA A 423 0.23 -19.50 5.43
C ALA A 423 -0.36 -20.71 4.70
N THR A 424 -0.60 -20.57 3.40
CA THR A 424 -1.43 -21.54 2.69
C THR A 424 -0.72 -22.88 2.54
N GLY A 425 0.55 -22.88 2.17
CA GLY A 425 1.27 -24.06 1.78
C GLY A 425 1.21 -25.24 2.74
N PRO A 426 1.61 -25.02 4.00
CA PRO A 426 1.62 -26.16 4.94
C PRO A 426 0.24 -26.66 5.30
N ALA A 427 -0.76 -25.77 5.39
CA ALA A 427 -2.07 -26.20 5.87
C ALA A 427 -2.84 -26.96 4.79
N VAL A 428 -2.69 -26.56 3.53
CA VAL A 428 -3.34 -27.28 2.44
C VAL A 428 -2.78 -28.70 2.32
N LEU A 429 -1.46 -28.84 2.47
CA LEU A 429 -0.86 -30.17 2.47
C LEU A 429 -1.34 -30.97 3.69
N THR A 430 -1.48 -30.31 4.83
CA THR A 430 -1.95 -31.00 6.03
C THR A 430 -3.40 -31.46 5.87
N VAL A 431 -4.27 -30.56 5.40
CA VAL A 431 -5.67 -30.91 5.25
C VAL A 431 -5.86 -31.93 4.13
N ALA A 432 -4.98 -31.94 3.14
CA ALA A 432 -5.04 -32.97 2.10
C ALA A 432 -4.46 -34.29 2.59
N LEU A 433 -3.45 -34.24 3.47
CA LEU A 433 -2.92 -35.46 4.07
C LEU A 433 -3.97 -36.11 4.97
N ILE A 434 -4.58 -35.31 5.85
CA ILE A 434 -5.63 -35.82 6.72
C ILE A 434 -6.81 -36.32 5.89
N GLU A 435 -7.08 -35.67 4.76
CA GLU A 435 -8.15 -36.13 3.88
C GLU A 435 -7.80 -37.45 3.22
N ALA A 436 -6.60 -37.55 2.66
CA ALA A 436 -6.20 -38.77 1.96
C ALA A 436 -6.11 -39.95 2.92
N VAL A 437 -5.65 -39.70 4.15
CA VAL A 437 -5.57 -40.78 5.14
C VAL A 437 -6.97 -41.20 5.58
N ALA A 438 -7.86 -40.23 5.77
CA ALA A 438 -9.22 -40.56 6.21
C ALA A 438 -9.99 -41.34 5.15
N VAL A 439 -9.75 -41.05 3.88
CA VAL A 439 -10.46 -41.75 2.82
C VAL A 439 -9.88 -43.15 2.59
N SER A 440 -8.55 -43.26 2.62
CA SER A 440 -7.91 -44.55 2.35
C SER A 440 -7.95 -45.48 3.54
N TRP A 441 -7.95 -44.94 4.77
CA TRP A 441 -7.87 -45.76 5.97
C TRP A 441 -9.18 -45.79 6.73
N PHE A 442 -9.66 -44.65 7.24
CA PHE A 442 -10.86 -44.63 8.05
C PHE A 442 -12.07 -45.15 7.29
N TYR A 443 -12.40 -44.51 6.17
CA TYR A 443 -13.46 -45.03 5.30
C TYR A 443 -13.04 -46.35 4.65
N GLY A 444 -11.74 -46.58 4.52
CA GLY A 444 -11.21 -47.79 3.93
C GLY A 444 -10.99 -47.66 2.45
N ILE A 445 -9.93 -48.30 1.93
CA ILE A 445 -9.72 -48.29 0.49
C ILE A 445 -10.52 -49.38 -0.20
N THR A 446 -10.96 -50.41 0.54
CA THR A 446 -11.74 -51.48 -0.06
C THR A 446 -13.13 -50.99 -0.43
N GLN A 447 -13.82 -50.34 0.51
CA GLN A 447 -15.13 -49.77 0.21
C GLN A 447 -15.01 -48.64 -0.79
N PHE A 448 -13.90 -47.91 -0.79
CA PHE A 448 -13.67 -46.89 -1.81
C PHE A 448 -13.54 -47.51 -3.19
N CYS A 449 -12.84 -48.65 -3.29
CA CYS A 449 -12.76 -49.36 -4.56
C CYS A 449 -14.12 -49.94 -4.95
N ARG A 450 -14.96 -50.26 -3.96
CA ARG A 450 -16.30 -50.76 -4.27
C ARG A 450 -17.21 -49.64 -4.79
N ASP A 451 -17.01 -48.41 -4.30
CA ASP A 451 -17.78 -47.29 -4.81
C ASP A 451 -17.42 -46.99 -6.26
N VAL A 452 -16.13 -47.04 -6.58
CA VAL A 452 -15.70 -46.90 -7.97
C VAL A 452 -16.19 -48.07 -8.80
N LYS A 453 -16.27 -49.26 -8.20
CA LYS A 453 -16.78 -50.43 -8.91
C LYS A 453 -18.26 -50.27 -9.24
N GLU A 454 -19.02 -49.59 -8.39
CA GLU A 454 -20.41 -49.27 -8.69
C GLU A 454 -20.52 -48.04 -9.59
N MET A 455 -19.50 -47.19 -9.62
CA MET A 455 -19.55 -45.96 -10.41
C MET A 455 -19.26 -46.25 -11.88
N LEU A 456 -18.03 -46.70 -12.18
CA LEU A 456 -17.61 -46.97 -13.54
C LEU A 456 -17.95 -48.38 -14.00
N GLY A 457 -18.32 -49.27 -13.08
CA GLY A 457 -18.62 -50.65 -13.42
C GLY A 457 -17.48 -51.62 -13.12
N PHE A 458 -16.31 -51.13 -12.72
CA PHE A 458 -15.17 -51.98 -12.45
C PHE A 458 -14.36 -51.40 -11.31
N SER A 459 -13.66 -52.28 -10.59
CA SER A 459 -12.84 -51.87 -9.45
C SER A 459 -11.54 -51.24 -9.95
N PRO A 460 -11.04 -50.21 -9.28
CA PRO A 460 -9.77 -49.60 -9.69
C PRO A 460 -8.61 -50.56 -9.50
N GLY A 461 -7.58 -50.37 -10.32
CA GLY A 461 -6.44 -51.28 -10.33
C GLY A 461 -5.63 -51.22 -9.05
N TRP A 462 -4.77 -52.22 -8.90
CA TRP A 462 -3.91 -52.30 -7.71
C TRP A 462 -2.92 -51.15 -7.66
N PHE A 463 -2.57 -50.58 -8.82
CA PHE A 463 -1.66 -49.44 -8.84
C PHE A 463 -2.26 -48.25 -8.09
N TRP A 464 -3.52 -47.93 -8.37
CA TRP A 464 -4.17 -46.85 -7.65
C TRP A 464 -4.40 -47.22 -6.19
N ARG A 465 -4.63 -48.51 -5.90
CA ARG A 465 -4.87 -48.93 -4.53
C ARG A 465 -3.63 -48.74 -3.68
N ILE A 466 -2.48 -49.25 -4.13
CA ILE A 466 -1.24 -49.09 -3.37
C ILE A 466 -0.85 -47.62 -3.29
N CYS A 467 -1.23 -46.81 -4.29
CA CYS A 467 -0.97 -45.39 -4.22
C CYS A 467 -1.79 -44.72 -3.13
N TRP A 468 -3.10 -45.01 -3.10
CA TRP A 468 -3.96 -44.41 -2.08
C TRP A 468 -3.61 -44.91 -0.69
N VAL A 469 -3.26 -46.20 -0.57
CA VAL A 469 -2.96 -46.76 0.75
C VAL A 469 -1.63 -46.23 1.27
N ALA A 470 -0.62 -46.14 0.40
CA ALA A 470 0.72 -45.85 0.84
C ALA A 470 1.33 -44.65 0.12
N ILE A 471 1.49 -44.76 -1.20
CA ILE A 471 2.33 -43.83 -1.95
C ILE A 471 1.79 -42.40 -1.83
N SER A 472 0.48 -42.22 -1.96
CA SER A 472 -0.08 -40.87 -1.92
C SER A 472 0.06 -40.21 -0.55
N PRO A 473 -0.30 -40.86 0.56
CA PRO A 473 -0.04 -40.23 1.87
C PRO A 473 1.45 -40.01 2.13
N LEU A 474 2.30 -40.93 1.68
CA LEU A 474 3.74 -40.72 1.80
C LEU A 474 4.20 -39.56 0.93
N PHE A 475 3.54 -39.34 -0.21
CA PHE A 475 3.88 -38.20 -1.06
C PHE A 475 3.58 -36.88 -0.36
N LEU A 476 2.44 -36.79 0.32
CA LEU A 476 2.11 -35.58 1.07
C LEU A 476 2.94 -35.48 2.35
N LEU A 477 3.20 -36.61 2.99
CA LEU A 477 4.03 -36.61 4.19
C LEU A 477 5.46 -36.18 3.89
N PHE A 478 5.92 -36.42 2.66
CA PHE A 478 7.27 -36.02 2.26
C PHE A 478 7.38 -34.50 2.18
N ILE A 479 6.39 -33.85 1.57
CA ILE A 479 6.46 -32.41 1.39
C ILE A 479 6.23 -31.68 2.72
N ILE A 480 5.36 -32.23 3.57
CA ILE A 480 5.13 -31.64 4.89
C ILE A 480 6.43 -31.57 5.68
N ALA A 481 7.02 -32.74 5.98
CA ALA A 481 8.21 -32.79 6.82
C ALA A 481 9.34 -31.94 6.26
N SER A 482 9.45 -31.88 4.93
CA SER A 482 10.51 -31.07 4.32
C SER A 482 10.25 -29.58 4.52
N PHE A 483 8.99 -29.15 4.42
CA PHE A 483 8.66 -27.74 4.64
C PHE A 483 8.89 -27.34 6.09
N LEU A 484 8.42 -28.18 7.03
CA LEU A 484 8.57 -27.85 8.45
C LEU A 484 10.02 -27.88 8.89
N MET A 485 10.82 -28.79 8.32
CA MET A 485 12.22 -28.89 8.73
C MET A 485 13.03 -27.67 8.26
N SER A 486 12.76 -27.18 7.06
CA SER A 486 13.47 -26.04 6.49
C SER A 486 12.47 -24.95 6.13
N PRO A 487 12.01 -24.18 7.11
CA PRO A 487 11.17 -23.02 6.80
C PRO A 487 11.97 -21.98 6.03
N PRO A 488 11.42 -21.46 4.94
CA PRO A 488 12.22 -20.60 4.06
C PRO A 488 12.48 -19.23 4.67
N GLN A 489 13.67 -18.70 4.42
CA GLN A 489 13.99 -17.31 4.69
C GLN A 489 13.70 -16.51 3.43
N LEU A 490 12.74 -15.59 3.53
CA LEU A 490 12.19 -14.92 2.36
C LEU A 490 12.71 -13.49 2.25
N ARG A 491 12.87 -13.04 1.01
CA ARG A 491 13.35 -11.69 0.72
C ARG A 491 12.65 -11.19 -0.54
N LEU A 492 12.29 -9.91 -0.54
CA LEU A 492 11.65 -9.30 -1.70
C LEU A 492 12.15 -7.88 -1.88
N PHE A 493 12.57 -7.55 -3.11
CA PHE A 493 12.97 -6.19 -3.50
C PHE A 493 13.99 -5.60 -2.54
N GLN A 494 15.16 -6.26 -2.47
CA GLN A 494 16.30 -5.81 -1.67
C GLN A 494 15.92 -5.57 -0.22
N TYR A 495 14.92 -6.31 0.27
CA TYR A 495 14.43 -6.15 1.63
C TYR A 495 14.22 -7.53 2.25
N ASN A 496 14.96 -7.81 3.32
CA ASN A 496 14.84 -9.08 4.03
C ASN A 496 13.72 -9.00 5.05
N TYR A 497 12.89 -10.06 5.09
CA TYR A 497 11.80 -10.11 6.05
C TYR A 497 12.34 -10.24 7.46
N PRO A 498 11.65 -9.67 8.45
CA PRO A 498 12.09 -9.80 9.84
C PRO A 498 12.07 -11.24 10.31
N TYR A 499 12.80 -11.49 11.40
CA TYR A 499 12.87 -12.84 11.95
C TYR A 499 11.51 -13.32 12.44
N TRP A 500 10.65 -12.41 12.87
CA TRP A 500 9.35 -12.78 13.42
C TRP A 500 8.28 -13.01 12.34
N SER A 501 8.62 -12.80 11.07
CA SER A 501 7.64 -13.02 10.01
C SER A 501 7.18 -14.47 9.97
N ILE A 502 8.07 -15.41 10.31
CA ILE A 502 7.68 -16.81 10.36
C ILE A 502 6.71 -17.05 11.51
N ILE A 503 6.86 -16.31 12.61
CA ILE A 503 5.91 -16.44 13.72
C ILE A 503 4.53 -15.96 13.30
N LEU A 504 4.47 -14.80 12.64
CA LEU A 504 3.21 -14.31 12.10
C LEU A 504 2.65 -15.28 11.06
N GLY A 505 3.52 -15.84 10.23
CA GLY A 505 3.07 -16.79 9.23
C GLY A 505 2.53 -18.07 9.84
N TYR A 506 3.16 -18.55 10.91
CA TYR A 506 2.64 -19.71 11.62
C TYR A 506 1.28 -19.42 12.26
N ALA A 507 1.07 -18.18 12.69
CA ALA A 507 -0.25 -17.80 13.20
C ALA A 507 -1.29 -17.90 12.11
N ILE A 508 -0.98 -17.39 10.91
CA ILE A 508 -1.91 -17.52 9.79
C ILE A 508 -1.99 -18.97 9.33
N GLY A 509 -0.95 -19.75 9.57
CA GLY A 509 -0.97 -21.16 9.20
C GLY A 509 -1.81 -22.00 10.13
N THR A 510 -1.71 -21.74 11.43
CA THR A 510 -2.47 -22.50 12.41
C THR A 510 -3.87 -21.95 12.65
N SER A 511 -4.14 -20.71 12.25
CA SER A 511 -5.46 -20.13 12.48
C SER A 511 -6.54 -20.85 11.69
N SER A 512 -6.19 -21.39 10.52
CA SER A 512 -7.12 -22.24 9.79
C SER A 512 -7.16 -23.64 10.36
N PHE A 513 -6.05 -24.10 10.96
CA PHE A 513 -5.96 -25.47 11.44
C PHE A 513 -6.65 -25.68 12.79
N ILE A 514 -6.84 -24.62 13.59
CA ILE A 514 -7.37 -24.78 14.94
C ILE A 514 -8.79 -25.32 14.96
N CYS A 515 -9.50 -25.30 13.83
CA CYS A 515 -10.91 -25.70 13.83
C CYS A 515 -11.09 -27.20 13.95
N ILE A 516 -10.33 -27.99 13.20
CA ILE A 516 -10.55 -29.43 13.15
C ILE A 516 -10.25 -30.13 14.48
N PRO A 517 -9.14 -29.88 15.17
CA PRO A 517 -8.94 -30.58 16.45
C PRO A 517 -9.88 -30.10 17.54
N THR A 518 -10.31 -28.85 17.49
CA THR A 518 -11.36 -28.37 18.37
C THR A 518 -12.74 -28.90 17.98
N TYR A 519 -12.92 -29.24 16.70
CA TYR A 519 -14.16 -29.90 16.30
C TYR A 519 -14.17 -31.38 16.71
N ILE A 520 -13.02 -32.04 16.61
CA ILE A 520 -12.89 -33.40 17.15
C ILE A 520 -13.14 -33.38 18.64
N ALA A 521 -12.64 -32.36 19.33
CA ALA A 521 -12.96 -32.18 20.74
C ALA A 521 -14.43 -31.83 20.94
N TYR A 522 -15.03 -31.12 19.97
CA TYR A 522 -16.45 -30.81 20.06
C TYR A 522 -17.30 -32.04 19.78
N ARG A 523 -16.85 -32.92 18.89
CA ARG A 523 -17.60 -34.14 18.58
C ARG A 523 -17.48 -35.16 19.70
N LEU A 524 -16.26 -35.37 20.21
CA LEU A 524 -16.05 -36.40 21.24
C LEU A 524 -16.67 -36.00 22.57
N ILE A 525 -16.75 -34.70 22.86
CA ILE A 525 -17.36 -34.27 24.11
C ILE A 525 -18.88 -34.34 24.04
N ILE A 526 -19.45 -34.14 22.85
CA ILE A 526 -20.90 -34.18 22.72
C ILE A 526 -21.41 -35.62 22.66
N THR A 527 -20.67 -36.50 21.99
CA THR A 527 -21.12 -37.87 21.82
C THR A 527 -21.10 -38.63 23.15
N PRO A 528 -22.24 -39.16 23.59
CA PRO A 528 -22.27 -39.90 24.87
C PRO A 528 -21.57 -41.26 24.77
N GLY A 529 -21.62 -42.03 25.85
CA GLY A 529 -20.98 -43.32 25.88
C GLY A 529 -19.54 -43.24 26.34
N THR A 530 -18.78 -44.29 26.03
CA THR A 530 -17.37 -44.36 26.37
C THR A 530 -16.54 -43.82 25.22
N PHE A 531 -15.22 -43.80 25.41
CA PHE A 531 -14.32 -43.35 24.35
C PHE A 531 -14.34 -44.31 23.17
N LYS A 532 -14.31 -45.61 23.44
CA LYS A 532 -14.37 -46.59 22.36
C LYS A 532 -15.75 -46.61 21.70
N GLU A 533 -16.80 -46.35 22.46
CA GLU A 533 -18.15 -46.37 21.91
C GLU A 533 -18.44 -45.11 21.10
N ARG A 534 -18.08 -43.94 21.62
CA ARG A 534 -18.37 -42.69 20.93
C ARG A 534 -17.51 -42.53 19.68
N ILE A 535 -16.23 -42.93 19.77
CA ILE A 535 -15.34 -42.80 18.61
C ILE A 535 -15.73 -43.81 17.53
N ILE A 536 -16.19 -45.00 17.93
CA ILE A 536 -16.66 -45.96 16.94
C ILE A 536 -17.86 -45.42 16.19
N LYS A 537 -18.81 -44.82 16.92
CA LYS A 537 -19.92 -44.13 16.28
C LYS A 537 -19.44 -42.90 15.51
N SER A 538 -18.34 -42.28 15.97
CA SER A 538 -17.75 -41.18 15.24
C SER A 538 -16.90 -41.68 14.06
N ILE A 539 -16.32 -42.87 14.18
CA ILE A 539 -15.60 -43.44 13.04
C ILE A 539 -16.58 -44.02 12.03
N THR A 540 -17.63 -44.68 12.51
CA THR A 540 -18.65 -45.19 11.61
C THR A 540 -19.40 -44.01 10.99
N PRO A 541 -19.55 -43.98 9.67
CA PRO A 541 -20.29 -42.88 9.04
C PRO A 541 -21.77 -42.92 9.36
N GLU A 542 -22.55 -42.03 8.76
CA GLU A 542 -23.99 -42.08 8.93
C GLU A 542 -24.53 -43.40 8.41
N THR A 543 -25.25 -44.13 9.27
CA THR A 543 -25.75 -45.45 8.88
C THR A 543 -26.76 -45.37 7.73
N PRO A 544 -27.73 -44.45 7.73
CA PRO A 544 -28.60 -44.39 6.54
C PRO A 544 -27.88 -43.84 5.32
N GLU B 1 16.45 8.57 0.05
CA GLU B 1 17.33 9.03 -1.03
C GLU B 1 18.19 10.19 -0.56
N VAL B 2 18.12 11.31 -1.27
CA VAL B 2 18.90 12.49 -0.93
C VAL B 2 18.22 13.23 0.21
N GLN B 3 18.91 13.39 1.32
CA GLN B 3 18.38 14.04 2.51
C GLN B 3 19.39 15.05 3.04
N LEU B 4 18.91 16.25 3.35
CA LEU B 4 19.71 17.29 4.00
C LEU B 4 19.12 17.53 5.39
N GLN B 5 19.85 17.12 6.41
CA GLN B 5 19.38 17.21 7.80
C GLN B 5 20.11 18.36 8.48
N GLN B 6 19.38 19.41 8.84
CA GLN B 6 19.95 20.56 9.50
C GLN B 6 19.98 20.34 11.01
N SER B 7 20.34 21.37 11.75
CA SER B 7 20.35 21.32 13.20
C SER B 7 19.00 21.79 13.74
N GLY B 8 18.86 21.77 15.07
CA GLY B 8 17.63 22.17 15.71
C GLY B 8 17.51 23.68 15.83
N PRO B 9 16.38 24.12 16.39
CA PRO B 9 16.17 25.56 16.58
C PRO B 9 17.12 26.12 17.64
N GLU B 10 17.37 27.42 17.53
CA GLU B 10 18.31 28.11 18.40
C GLU B 10 17.70 29.41 18.90
N LEU B 11 17.87 29.67 20.19
CA LEU B 11 17.51 30.94 20.81
C LEU B 11 18.77 31.56 21.38
N VAL B 12 19.19 32.68 20.82
CA VAL B 12 20.44 33.33 21.19
C VAL B 12 20.20 34.81 21.44
N LYS B 13 21.06 35.40 22.26
CA LYS B 13 20.96 36.82 22.55
C LYS B 13 21.63 37.65 21.46
N PRO B 14 21.16 38.88 21.23
CA PRO B 14 21.79 39.73 20.22
C PRO B 14 23.24 40.04 20.57
N GLY B 15 24.06 40.16 19.53
CA GLY B 15 25.47 40.40 19.68
C GLY B 15 26.32 39.15 19.78
N ALA B 16 25.70 37.98 19.93
CA ALA B 16 26.43 36.72 20.04
C ALA B 16 26.60 36.09 18.66
N SER B 17 27.04 34.84 18.62
CA SER B 17 27.24 34.11 17.38
C SER B 17 26.44 32.81 17.42
N VAL B 18 26.23 32.22 16.24
CA VAL B 18 25.45 31.00 16.11
C VAL B 18 25.97 30.22 14.90
N LYS B 19 25.86 28.90 14.98
CA LYS B 19 26.32 28.00 13.92
C LYS B 19 25.23 26.96 13.64
N ILE B 20 25.06 26.63 12.36
CA ILE B 20 24.01 25.71 11.91
C ILE B 20 24.64 24.62 11.07
N SER B 21 24.53 23.37 11.52
CA SER B 21 25.04 22.23 10.78
C SER B 21 24.05 21.80 9.70
N CYS B 22 24.60 21.16 8.65
CA CYS B 22 23.80 20.58 7.59
C CYS B 22 24.38 19.20 7.25
N LYS B 23 23.60 18.14 7.46
CA LYS B 23 24.04 16.79 7.21
C LYS B 23 23.45 16.29 5.90
N ALA B 24 24.32 16.02 4.92
CA ALA B 24 23.91 15.58 3.60
C ALA B 24 24.12 14.08 3.43
N SER B 25 23.21 13.44 2.71
CA SER B 25 23.30 12.01 2.45
C SER B 25 22.48 11.68 1.21
N GLY B 26 22.76 10.51 0.63
CA GLY B 26 22.02 10.03 -0.52
C GLY B 26 22.63 10.33 -1.86
N TYR B 27 23.83 10.90 -1.91
CA TYR B 27 24.47 11.26 -3.17
C TYR B 27 25.96 11.44 -2.90
N THR B 28 26.71 11.73 -3.96
CA THR B 28 28.13 12.02 -3.81
C THR B 28 28.31 13.47 -3.37
N PHE B 29 28.88 13.66 -2.17
CA PHE B 29 28.86 14.97 -1.55
C PHE B 29 29.76 15.96 -2.27
N THR B 30 30.84 15.49 -2.90
CA THR B 30 31.79 16.37 -3.57
C THR B 30 31.35 16.75 -4.97
N ASP B 31 30.19 16.28 -5.43
CA ASP B 31 29.74 16.51 -6.79
C ASP B 31 28.81 17.71 -6.93
N TYR B 32 28.51 18.43 -5.84
CA TYR B 32 27.52 19.49 -5.91
C TYR B 32 27.90 20.64 -5.00
N TYR B 33 27.56 21.85 -5.44
CA TYR B 33 27.64 23.03 -4.58
C TYR B 33 26.67 22.90 -3.41
N MET B 34 27.00 23.56 -2.30
CA MET B 34 26.13 23.62 -1.14
C MET B 34 25.75 25.07 -0.89
N ASN B 35 24.45 25.34 -0.79
CA ASN B 35 23.94 26.69 -0.69
C ASN B 35 23.14 26.86 0.60
N TRP B 36 22.96 28.12 1.00
CA TRP B 36 22.19 28.48 2.18
C TRP B 36 21.22 29.59 1.81
N VAL B 37 19.95 29.40 2.16
CA VAL B 37 18.88 30.33 1.80
C VAL B 37 18.23 30.83 3.08
N LYS B 38 18.09 32.15 3.20
CA LYS B 38 17.43 32.77 4.33
C LYS B 38 16.00 33.15 3.95
N GLN B 39 15.05 32.82 4.81
CA GLN B 39 13.64 33.17 4.60
C GLN B 39 13.12 33.87 5.85
N SER B 40 12.82 35.15 5.74
CA SER B 40 12.23 35.90 6.83
C SER B 40 10.74 35.60 6.92
N HIS B 41 10.19 35.77 8.13
CA HIS B 41 8.76 35.51 8.33
C HIS B 41 7.93 36.44 7.47
N GLY B 42 7.04 35.85 6.67
CA GLY B 42 6.23 36.61 5.74
C GLY B 42 6.97 37.20 4.56
N LYS B 43 8.29 36.99 4.47
CA LYS B 43 9.08 37.53 3.37
C LYS B 43 9.44 36.42 2.40
N SER B 44 10.21 36.77 1.37
CA SER B 44 10.59 35.85 0.32
C SER B 44 11.89 35.14 0.70
N LEU B 45 12.35 34.25 -0.19
CA LEU B 45 13.61 33.56 -0.01
C LEU B 45 14.78 34.45 -0.38
N GLU B 46 15.90 34.27 0.33
CA GLU B 46 17.07 35.11 0.15
C GLU B 46 18.30 34.22 0.12
N TRP B 47 19.09 34.33 -0.95
CA TRP B 47 20.25 33.47 -1.16
C TRP B 47 21.45 34.07 -0.44
N ILE B 48 21.97 33.33 0.55
CA ILE B 48 23.11 33.80 1.31
C ILE B 48 24.41 33.60 0.56
N GLY B 49 24.62 32.40 0.01
CA GLY B 49 25.84 32.09 -0.68
C GLY B 49 26.02 30.59 -0.80
N ASN B 50 27.04 30.21 -1.58
CA ASN B 50 27.35 28.81 -1.81
C ASN B 50 28.77 28.50 -1.36
N ILE B 51 29.13 27.22 -1.44
CA ILE B 51 30.46 26.76 -1.09
C ILE B 51 30.78 25.52 -1.92
N ASN B 52 32.04 25.39 -2.32
CA ASN B 52 32.51 24.21 -3.05
C ASN B 52 33.06 23.20 -2.06
N PRO B 53 32.49 22.00 -1.96
CA PRO B 53 32.98 21.04 -0.97
C PRO B 53 34.43 20.61 -1.15
N ASN B 54 34.92 20.61 -2.40
CA ASN B 54 36.27 20.10 -2.65
C ASN B 54 37.33 20.96 -1.97
N ASN B 55 37.42 22.23 -2.37
CA ASN B 55 38.42 23.15 -1.84
C ASN B 55 37.87 24.09 -0.77
N GLY B 56 36.58 24.04 -0.47
CA GLY B 56 36.01 25.03 0.42
C GLY B 56 35.83 26.39 -0.20
N GLY B 57 35.82 26.47 -1.53
CA GLY B 57 35.66 27.75 -2.20
C GLY B 57 34.27 28.33 -1.94
N THR B 58 34.22 29.54 -1.42
CA THR B 58 32.98 30.16 -0.97
C THR B 58 32.66 31.36 -1.85
N SER B 59 31.48 31.33 -2.48
CA SER B 59 30.95 32.47 -3.22
C SER B 59 29.77 33.02 -2.42
N TYR B 60 29.97 34.20 -1.83
CA TYR B 60 28.96 34.82 -0.98
C TYR B 60 28.12 35.81 -1.77
N ASN B 61 27.17 36.43 -1.08
CA ASN B 61 26.36 37.50 -1.64
C ASN B 61 26.86 38.83 -1.09
N GLN B 62 26.83 39.86 -1.94
CA GLN B 62 27.28 41.18 -1.50
C GLN B 62 26.47 41.67 -0.31
N LYS B 63 25.20 41.27 -0.21
CA LYS B 63 24.39 41.64 0.95
C LYS B 63 24.87 40.91 2.20
N PHE B 64 25.27 39.65 2.06
CA PHE B 64 25.70 38.82 3.18
C PHE B 64 27.21 38.79 3.38
N LYS B 65 27.98 39.52 2.58
CA LYS B 65 29.42 39.52 2.73
C LYS B 65 29.82 40.01 4.12
N GLY B 66 30.60 39.18 4.82
CA GLY B 66 30.95 39.45 6.20
C GLY B 66 29.87 39.15 7.21
N LYS B 67 28.62 39.00 6.77
CA LYS B 67 27.55 38.62 7.68
C LYS B 67 27.53 37.11 7.92
N ALA B 68 27.89 36.32 6.92
CA ALA B 68 27.85 34.87 7.01
C ALA B 68 29.20 34.29 6.58
N THR B 69 29.53 33.13 7.15
CA THR B 69 30.75 32.42 6.82
C THR B 69 30.40 30.95 6.60
N LEU B 70 30.69 30.45 5.40
CA LEU B 70 30.37 29.08 5.03
C LEU B 70 31.61 28.20 5.14
N THR B 71 31.46 27.05 5.79
CA THR B 71 32.52 26.08 5.93
C THR B 71 32.00 24.70 5.54
N VAL B 72 32.93 23.78 5.30
CA VAL B 72 32.58 22.44 4.83
C VAL B 72 33.60 21.45 5.38
N ASP B 73 33.15 20.21 5.59
CA ASP B 73 34.01 19.12 6.04
C ASP B 73 33.70 17.89 5.21
N LYS B 74 34.71 17.34 4.55
CA LYS B 74 34.54 16.18 3.69
C LYS B 74 34.59 14.85 4.46
N SER B 75 35.08 14.86 5.69
CA SER B 75 35.17 13.62 6.45
C SER B 75 33.78 13.12 6.84
N SER B 76 32.97 13.97 7.44
CA SER B 76 31.61 13.63 7.83
C SER B 76 30.57 14.06 6.81
N THR B 77 30.99 14.72 5.73
CA THR B 77 30.09 15.25 4.70
C THR B 77 29.02 16.14 5.35
N THR B 78 29.48 17.27 5.89
CA THR B 78 28.64 18.19 6.61
C THR B 78 29.07 19.62 6.31
N ALA B 79 28.10 20.50 6.06
CA ALA B 79 28.35 21.90 5.78
C ALA B 79 27.78 22.76 6.90
N TYR B 80 28.46 23.87 7.19
CA TYR B 80 28.11 24.75 8.29
C TYR B 80 27.97 26.18 7.79
N MET B 81 27.19 26.97 8.54
CA MET B 81 27.03 28.40 8.30
C MET B 81 27.08 29.12 9.63
N GLU B 82 28.00 30.08 9.76
CA GLU B 82 28.19 30.82 10.99
C GLU B 82 27.75 32.27 10.80
N LEU B 83 27.10 32.83 11.81
CA LEU B 83 26.60 34.19 11.78
C LEU B 83 27.05 34.93 13.04
N ARG B 84 27.52 36.17 12.85
CA ARG B 84 27.93 37.01 13.96
C ARG B 84 27.17 38.33 13.89
N SER B 85 27.18 39.05 15.03
CA SER B 85 26.47 40.31 15.19
C SER B 85 24.98 40.13 14.90
N LEU B 86 24.35 39.37 15.80
CA LEU B 86 22.96 38.97 15.62
C LEU B 86 22.01 40.10 16.02
N THR B 87 21.01 40.34 15.18
CA THR B 87 19.98 41.34 15.41
C THR B 87 18.61 40.69 15.28
N SER B 88 17.56 41.50 15.38
CA SER B 88 16.20 40.98 15.26
C SER B 88 15.89 40.61 13.81
N GLU B 89 16.53 41.26 12.84
CA GLU B 89 16.34 40.88 11.45
C GLU B 89 16.88 39.49 11.16
N ASP B 90 17.88 39.04 11.92
CA ASP B 90 18.47 37.73 11.73
C ASP B 90 17.59 36.60 12.24
N SER B 91 16.47 36.91 12.88
CA SER B 91 15.55 35.86 13.33
C SER B 91 14.65 35.48 12.16
N ALA B 92 14.77 34.22 11.72
CA ALA B 92 14.14 33.75 10.49
C ALA B 92 14.49 32.27 10.33
N VAL B 93 13.90 31.65 9.31
CA VAL B 93 14.15 30.26 9.00
C VAL B 93 15.23 30.18 7.94
N TYR B 94 16.23 29.33 8.16
CA TYR B 94 17.35 29.15 7.25
C TYR B 94 17.34 27.74 6.69
N TYR B 95 17.67 27.62 5.41
CA TYR B 95 17.69 26.33 4.72
C TYR B 95 19.04 26.13 4.04
N CYS B 96 19.57 24.93 4.15
CA CYS B 96 20.73 24.51 3.38
C CYS B 96 20.24 23.61 2.25
N THR B 97 20.58 23.96 1.02
CA THR B 97 20.06 23.27 -0.15
C THR B 97 21.17 22.91 -1.11
N ARG B 98 21.02 21.76 -1.76
CA ARG B 98 22.00 21.29 -2.74
C ARG B 98 21.73 21.91 -4.10
N SER B 99 22.80 22.24 -4.82
CA SER B 99 22.68 22.78 -6.16
C SER B 99 23.84 22.28 -7.00
N PRO B 100 23.63 22.04 -8.30
CA PRO B 100 24.74 21.75 -9.20
C PRO B 100 25.34 23.05 -9.72
N VAL B 101 26.38 22.91 -10.53
CA VAL B 101 27.05 24.09 -11.08
C VAL B 101 26.33 24.67 -12.29
N ARG B 102 25.52 23.86 -12.98
CA ARG B 102 24.72 24.33 -14.12
C ARG B 102 23.83 23.21 -14.65
N PRO B 103 22.55 23.53 -14.92
CA PRO B 103 21.91 24.79 -14.57
C PRO B 103 21.77 24.92 -13.05
N TYR B 104 21.72 26.14 -12.54
CA TYR B 104 21.80 26.38 -11.10
C TYR B 104 20.39 26.35 -10.54
N TYR B 105 20.09 25.32 -9.76
CA TYR B 105 18.77 25.19 -9.15
C TYR B 105 18.94 24.46 -7.84
N PHE B 106 17.97 24.64 -6.95
CA PHE B 106 18.00 23.98 -5.66
C PHE B 106 17.03 22.81 -5.74
N ASP B 107 17.59 21.60 -5.86
CA ASP B 107 16.78 20.40 -6.01
C ASP B 107 16.32 19.86 -4.68
N TYR B 108 17.20 19.81 -3.69
CA TYR B 108 16.91 19.26 -2.38
C TYR B 108 17.22 20.30 -1.32
N TRP B 109 16.31 20.47 -0.37
CA TRP B 109 16.45 21.44 0.69
C TRP B 109 16.47 20.73 2.04
N GLY B 110 17.08 21.40 3.02
CA GLY B 110 16.99 20.93 4.39
C GLY B 110 15.62 21.22 4.99
N GLN B 111 15.37 20.60 6.14
CA GLN B 111 14.06 20.78 6.79
C GLN B 111 13.89 22.18 7.37
N GLY B 112 14.96 22.95 7.48
CA GLY B 112 14.87 24.30 8.01
C GLY B 112 15.35 24.38 9.45
N THR B 113 15.83 25.56 9.82
CA THR B 113 16.31 25.82 11.17
C THR B 113 15.70 27.13 11.66
N THR B 114 14.96 27.07 12.76
CA THR B 114 14.29 28.24 13.31
C THR B 114 15.25 28.98 14.24
N LEU B 115 15.55 30.24 13.89
CA LEU B 115 16.45 31.08 14.67
C LEU B 115 15.65 32.22 15.29
N THR B 116 15.83 32.42 16.58
CA THR B 116 15.19 33.52 17.30
C THR B 116 16.26 34.28 18.07
N VAL B 117 16.45 35.55 17.73
CA VAL B 117 17.43 36.40 18.38
C VAL B 117 16.68 37.33 19.32
N SER B 118 16.80 37.09 20.62
CA SER B 118 16.17 37.94 21.62
C SER B 118 16.88 37.72 22.95
N SER B 119 16.72 38.69 23.85
CA SER B 119 17.22 38.57 25.20
C SER B 119 16.17 38.06 26.18
N ALA B 120 14.98 37.73 25.69
CA ALA B 120 13.92 37.23 26.56
C ALA B 120 14.29 35.85 27.12
N LYS B 121 14.03 35.67 28.41
CA LYS B 121 14.32 34.40 29.06
C LYS B 121 13.51 33.27 28.43
N THR B 122 14.10 32.09 28.36
CA THR B 122 13.40 30.92 27.86
C THR B 122 12.30 30.53 28.85
N THR B 123 11.06 30.51 28.38
CA THR B 123 9.91 30.31 29.26
C THR B 123 9.24 28.98 28.94
N PRO B 124 9.11 28.08 29.91
CA PRO B 124 8.43 26.81 29.64
C PRO B 124 6.95 27.04 29.41
N PRO B 125 6.33 26.27 28.53
CA PRO B 125 4.90 26.45 28.27
C PRO B 125 4.03 25.88 29.38
N SER B 126 2.79 26.36 29.43
CA SER B 126 1.78 25.86 30.35
C SER B 126 0.74 25.09 29.54
N VAL B 127 0.61 23.80 29.83
CA VAL B 127 -0.26 22.91 29.08
C VAL B 127 -1.53 22.68 29.90
N TYR B 128 -2.64 23.24 29.43
CA TYR B 128 -3.94 23.10 30.07
C TYR B 128 -4.89 22.39 29.12
N PRO B 129 -5.40 21.20 29.48
CA PRO B 129 -6.27 20.46 28.55
C PRO B 129 -7.60 21.18 28.34
N LEU B 130 -8.02 21.24 27.07
CA LEU B 130 -9.30 21.86 26.72
C LEU B 130 -10.29 20.75 26.41
N ALA B 131 -11.25 20.55 27.31
CA ALA B 131 -12.19 19.45 27.17
C ALA B 131 -13.62 19.96 27.09
N PRO B 132 -14.47 19.30 26.31
CA PRO B 132 -15.88 19.69 26.26
C PRO B 132 -16.57 19.47 27.59
N GLY B 133 -17.56 20.30 27.87
CA GLY B 133 -18.33 20.17 29.09
C GLY B 133 -19.17 18.91 29.10
N CYS B 134 -19.65 18.57 30.29
CA CYS B 134 -20.50 17.40 30.47
C CYS B 134 -21.95 17.68 30.10
N GLY B 135 -22.31 18.94 29.83
CA GLY B 135 -23.63 19.29 29.38
C GLY B 135 -23.78 19.43 27.89
N ASP B 136 -22.72 19.21 27.12
CA ASP B 136 -22.77 19.33 25.67
C ASP B 136 -23.48 18.13 25.06
N THR B 137 -24.04 18.35 23.87
CA THR B 137 -24.75 17.31 23.15
C THR B 137 -23.76 16.51 22.31
N THR B 138 -23.70 15.20 22.56
CA THR B 138 -22.78 14.33 21.84
C THR B 138 -23.39 13.98 20.49
N GLY B 139 -22.70 14.35 19.41
CA GLY B 139 -23.17 14.08 18.06
C GLY B 139 -22.38 12.97 17.37
N SER B 140 -22.34 13.02 16.04
CA SER B 140 -21.57 12.04 15.30
C SER B 140 -20.06 12.23 15.49
N SER B 141 -19.62 13.40 15.93
CA SER B 141 -18.21 13.65 16.16
C SER B 141 -18.08 14.65 17.30
N VAL B 142 -16.95 14.56 18.01
CA VAL B 142 -16.66 15.43 19.14
C VAL B 142 -15.32 16.13 18.88
N THR B 143 -15.28 17.43 19.13
CA THR B 143 -14.07 18.23 18.96
C THR B 143 -13.38 18.41 20.31
N LEU B 144 -12.09 18.12 20.35
CA LEU B 144 -11.28 18.21 21.55
C LEU B 144 -10.24 19.32 21.36
N GLY B 145 -9.36 19.47 22.35
CA GLY B 145 -8.33 20.49 22.24
C GLY B 145 -7.40 20.48 23.44
N CYS B 146 -6.31 21.23 23.30
CA CYS B 146 -5.34 21.45 24.36
C CYS B 146 -4.76 22.85 24.19
N LEU B 147 -4.46 23.50 25.32
CA LEU B 147 -4.02 24.89 25.33
C LEU B 147 -2.56 24.97 25.74
N VAL B 148 -1.80 25.77 24.99
CA VAL B 148 -0.40 26.06 25.30
C VAL B 148 -0.26 27.56 25.52
N LYS B 149 0.32 27.94 26.65
CA LYS B 149 0.32 29.33 27.07
C LYS B 149 1.66 29.70 27.72
N GLY B 150 2.14 30.90 27.42
CA GLY B 150 3.29 31.46 28.11
C GLY B 150 4.61 30.74 27.85
N TYR B 151 5.01 30.64 26.59
CA TYR B 151 6.29 30.03 26.24
C TYR B 151 7.04 30.92 25.26
N PHE B 152 8.36 30.90 25.39
CA PHE B 152 9.25 31.61 24.47
C PHE B 152 10.47 30.74 24.17
N PRO B 153 10.93 30.74 22.91
CA PRO B 153 10.38 31.36 21.70
C PRO B 153 9.24 30.55 21.06
N GLU B 154 8.88 30.92 19.84
CA GLU B 154 7.73 30.33 19.15
C GLU B 154 7.89 28.83 18.87
N SER B 155 9.05 28.25 19.13
CA SER B 155 9.26 26.85 18.80
C SER B 155 8.50 25.96 19.77
N VAL B 156 7.56 25.18 19.25
CA VAL B 156 6.75 24.26 20.04
C VAL B 156 6.18 23.22 19.10
N THR B 157 5.80 22.07 19.65
CA THR B 157 5.17 21.01 18.86
C THR B 157 4.09 20.34 19.70
N VAL B 158 2.91 20.16 19.10
CA VAL B 158 1.78 19.51 19.75
C VAL B 158 1.39 18.31 18.89
N THR B 159 1.46 17.11 19.49
CA THR B 159 1.13 15.87 18.80
C THR B 159 -0.02 15.18 19.54
N TRP B 160 -0.71 14.30 18.81
CA TRP B 160 -1.86 13.58 19.34
C TRP B 160 -1.66 12.08 19.12
N ASN B 161 -1.51 11.34 20.22
CA ASN B 161 -1.45 9.87 20.19
C ASN B 161 -0.36 9.36 19.25
N SER B 162 0.84 9.93 19.39
CA SER B 162 2.01 9.53 18.60
C SER B 162 1.76 9.65 17.10
N GLY B 163 0.97 10.64 16.69
CA GLY B 163 0.67 10.86 15.30
C GLY B 163 -0.39 9.94 14.70
N SER B 164 -0.97 9.05 15.48
CA SER B 164 -2.01 8.16 14.98
C SER B 164 -3.21 8.13 15.91
N LEU B 165 -4.35 8.61 15.42
CA LEU B 165 -4.43 9.20 14.09
C LEU B 165 -4.76 10.67 14.17
N SER B 166 -4.17 11.48 13.30
CA SER B 166 -4.74 12.77 12.96
C SER B 166 -5.08 12.73 11.48
N SER B 167 -6.36 12.49 11.16
CA SER B 167 -6.91 12.86 9.87
C SER B 167 -7.78 14.10 9.92
N SER B 168 -8.13 14.56 11.12
CA SER B 168 -8.70 15.89 11.33
C SER B 168 -8.06 16.47 12.58
N VAL B 169 -7.23 17.49 12.40
CA VAL B 169 -6.68 18.26 13.50
C VAL B 169 -6.54 19.70 13.03
N HIS B 170 -7.02 20.64 13.83
CA HIS B 170 -6.88 22.07 13.52
C HIS B 170 -5.96 22.69 14.56
N THR B 171 -4.75 23.04 14.13
CA THR B 171 -3.74 23.64 14.99
C THR B 171 -3.71 25.14 14.72
N PHE B 172 -3.97 25.92 15.73
CA PHE B 172 -4.07 27.36 15.56
C PHE B 172 -2.72 28.02 15.84
N PRO B 173 -2.32 28.95 14.97
CA PRO B 173 -0.97 29.53 15.07
C PRO B 173 -0.74 30.23 16.40
N ALA B 174 0.54 30.36 16.74
CA ALA B 174 0.93 30.99 18.00
C ALA B 174 0.78 32.50 17.91
N LEU B 175 0.40 33.10 19.03
CA LEU B 175 0.23 34.55 19.14
C LEU B 175 1.16 35.06 20.23
N LEU B 176 1.93 36.10 19.92
CA LEU B 176 2.94 36.64 20.82
C LEU B 176 2.39 37.82 21.60
N GLN B 177 2.47 37.73 22.93
CA GLN B 177 2.05 38.82 23.80
C GLN B 177 2.97 38.86 25.02
N SER B 178 3.39 40.07 25.40
CA SER B 178 4.22 40.30 26.58
C SER B 178 5.47 39.42 26.57
N GLY B 179 5.99 39.15 25.38
CA GLY B 179 7.18 38.33 25.24
C GLY B 179 6.97 36.84 25.36
N LEU B 180 5.71 36.38 25.47
CA LEU B 180 5.41 34.96 25.62
C LEU B 180 4.39 34.56 24.57
N TYR B 181 4.66 33.46 23.86
CA TYR B 181 3.76 32.95 22.85
C TYR B 181 2.61 32.16 23.48
N THR B 182 1.48 32.13 22.79
CA THR B 182 0.33 31.35 23.19
C THR B 182 -0.36 30.80 21.95
N MET B 183 -0.72 29.52 21.97
CA MET B 183 -1.40 28.88 20.85
C MET B 183 -2.39 27.86 21.40
N SER B 184 -3.10 27.21 20.48
CA SER B 184 -4.09 26.21 20.85
C SER B 184 -4.23 25.20 19.72
N SER B 185 -4.69 24.00 20.08
CA SER B 185 -4.88 22.92 19.13
C SER B 185 -6.29 22.35 19.30
N SER B 186 -6.74 21.63 18.27
CA SER B 186 -8.04 20.99 18.31
C SER B 186 -8.03 19.77 17.40
N VAL B 187 -8.88 18.80 17.72
CA VAL B 187 -8.98 17.55 16.97
C VAL B 187 -10.44 17.12 16.94
N THR B 188 -10.89 16.65 15.78
CA THR B 188 -12.25 16.19 15.58
C THR B 188 -12.24 14.67 15.40
N VAL B 189 -12.79 13.95 16.37
CA VAL B 189 -12.84 12.49 16.34
C VAL B 189 -14.27 12.04 16.59
N PRO B 190 -14.70 10.90 16.05
CA PRO B 190 -16.08 10.47 16.24
C PRO B 190 -16.37 10.10 17.69
N SER B 191 -17.66 10.04 18.00
CA SER B 191 -18.12 9.76 19.35
C SER B 191 -18.01 8.28 19.73
N SER B 192 -17.72 7.40 18.77
CA SER B 192 -17.65 5.98 19.06
C SER B 192 -16.36 5.59 19.79
N THR B 193 -15.30 6.37 19.62
CA THR B 193 -14.02 6.10 20.27
C THR B 193 -13.83 6.85 21.58
N TRP B 194 -14.82 7.64 22.01
CA TRP B 194 -14.66 8.47 23.19
C TRP B 194 -15.91 8.44 24.08
N PRO B 195 -15.71 8.44 25.41
CA PRO B 195 -14.41 8.27 26.06
C PRO B 195 -14.06 6.82 26.34
N SER B 196 -14.15 5.96 25.31
CA SER B 196 -13.85 4.55 25.50
C SER B 196 -12.35 4.29 25.52
N GLN B 197 -11.62 4.86 24.56
CA GLN B 197 -10.19 4.64 24.42
C GLN B 197 -9.42 5.80 25.06
N THR B 198 -8.10 5.80 24.88
CA THR B 198 -7.22 6.80 25.47
C THR B 198 -6.77 7.79 24.41
N VAL B 199 -7.00 9.07 24.66
CA VAL B 199 -6.57 10.15 23.78
C VAL B 199 -5.79 11.16 24.61
N THR B 200 -4.57 11.46 24.18
CA THR B 200 -3.68 12.33 24.93
C THR B 200 -2.94 13.26 23.97
N CYS B 201 -2.88 14.54 24.31
CA CYS B 201 -2.11 15.52 23.56
C CYS B 201 -0.74 15.68 24.21
N SER B 202 0.29 15.83 23.38
CA SER B 202 1.67 15.96 23.85
C SER B 202 2.23 17.29 23.36
N VAL B 203 2.63 18.14 24.30
CA VAL B 203 3.20 19.44 24.00
C VAL B 203 4.69 19.41 24.31
N ALA B 204 5.51 19.78 23.34
CA ALA B 204 6.96 19.76 23.47
C ALA B 204 7.53 21.11 23.10
N HIS B 205 8.38 21.66 23.98
CA HIS B 205 9.05 22.93 23.72
C HIS B 205 10.55 22.66 23.57
N PRO B 206 11.10 22.73 22.36
CA PRO B 206 12.51 22.35 22.18
C PRO B 206 13.50 23.33 22.79
N ALA B 207 13.16 24.61 22.86
CA ALA B 207 14.12 25.59 23.37
C ALA B 207 14.28 25.47 24.88
N SER B 208 13.19 25.20 25.59
CA SER B 208 13.26 24.92 27.02
C SER B 208 13.48 23.44 27.32
N SER B 209 13.43 22.59 26.29
CA SER B 209 13.65 21.14 26.44
C SER B 209 12.67 20.54 27.44
N THR B 210 11.39 20.89 27.30
CA THR B 210 10.33 20.43 28.17
C THR B 210 9.24 19.76 27.35
N THR B 211 8.70 18.66 27.88
CA THR B 211 7.60 17.94 27.26
C THR B 211 6.57 17.62 28.32
N VAL B 212 5.35 18.12 28.13
CA VAL B 212 4.26 17.92 29.07
C VAL B 212 3.11 17.25 28.32
N ASP B 213 2.69 16.09 28.80
CA ASP B 213 1.61 15.33 28.20
C ASP B 213 0.38 15.39 29.10
N LYS B 214 -0.77 15.75 28.51
CA LYS B 214 -2.02 15.90 29.25
C LYS B 214 -3.11 15.11 28.53
N LYS B 215 -3.70 14.14 29.24
CA LYS B 215 -4.80 13.37 28.70
C LYS B 215 -6.11 14.10 28.93
N LEU B 216 -7.00 14.04 27.95
CA LEU B 216 -8.27 14.73 28.03
C LEU B 216 -9.27 13.93 28.86
N GLU B 217 -9.99 14.63 29.73
CA GLU B 217 -11.01 14.00 30.56
C GLU B 217 -12.28 14.85 30.53
N PRO B 218 -13.46 14.19 30.49
CA PRO B 218 -14.74 14.89 30.51
C PRO B 218 -15.18 15.31 31.91
N ASP C 1 22.48 44.21 -10.03
CA ASP C 1 21.87 42.93 -9.68
C ASP C 1 20.54 42.72 -10.40
N ILE C 2 19.86 41.64 -10.05
CA ILE C 2 18.62 41.23 -10.72
C ILE C 2 17.50 41.21 -9.70
N VAL C 3 16.33 41.71 -10.10
CA VAL C 3 15.16 41.77 -9.24
C VAL C 3 14.04 40.97 -9.89
N MET C 4 13.61 39.90 -9.21
CA MET C 4 12.49 39.09 -9.66
C MET C 4 11.22 39.59 -8.99
N THR C 5 10.27 40.06 -9.80
CA THR C 5 9.06 40.71 -9.31
C THR C 5 7.85 39.86 -9.66
N GLN C 6 7.09 39.46 -8.64
CA GLN C 6 5.77 38.85 -8.82
C GLN C 6 4.73 39.90 -8.46
N SER C 7 4.02 40.40 -9.47
CA SER C 7 3.13 41.54 -9.26
C SER C 7 1.92 41.18 -8.42
N HIS C 8 1.48 39.92 -8.47
CA HIS C 8 0.32 39.46 -7.71
C HIS C 8 0.81 38.68 -6.50
N LYS C 9 0.63 39.25 -5.31
CA LYS C 9 0.98 38.56 -4.08
C LYS C 9 -0.01 37.45 -3.75
N PHE C 10 -1.24 37.55 -4.24
CA PHE C 10 -2.27 36.55 -4.03
C PHE C 10 -3.04 36.35 -5.32
N MET C 11 -3.36 35.10 -5.63
CA MET C 11 -4.16 34.76 -6.81
C MET C 11 -5.22 33.75 -6.42
N SER C 12 -6.49 34.08 -6.71
CA SER C 12 -7.60 33.23 -6.35
C SER C 12 -7.91 32.27 -7.49
N THR C 13 -8.03 30.99 -7.16
CA THR C 13 -8.40 29.96 -8.13
C THR C 13 -9.31 28.96 -7.44
N SER C 14 -9.77 27.97 -8.21
CA SER C 14 -10.65 26.93 -7.71
C SER C 14 -10.06 25.57 -8.05
N VAL C 15 -10.61 24.53 -7.42
CA VAL C 15 -10.15 23.17 -7.66
C VAL C 15 -10.52 22.77 -9.09
N GLY C 16 -9.52 22.38 -9.88
CA GLY C 16 -9.72 22.01 -11.26
C GLY C 16 -9.56 23.14 -12.26
N ASP C 17 -9.58 24.39 -11.80
CA ASP C 17 -9.45 25.52 -12.70
C ASP C 17 -8.02 25.62 -13.24
N ARG C 18 -7.90 26.33 -14.36
CA ARG C 18 -6.60 26.60 -14.97
C ARG C 18 -6.07 27.91 -14.41
N VAL C 19 -4.98 27.83 -13.65
CA VAL C 19 -4.38 29.00 -13.00
C VAL C 19 -2.98 29.20 -13.57
N SER C 20 -2.61 30.46 -13.75
CA SER C 20 -1.29 30.82 -14.26
C SER C 20 -0.75 31.98 -13.44
N ILE C 21 0.42 31.78 -12.82
CA ILE C 21 1.11 32.81 -12.06
C ILE C 21 2.20 33.40 -12.94
N THR C 22 2.34 34.72 -12.91
CA THR C 22 3.34 35.39 -13.72
C THR C 22 4.61 35.63 -12.91
N CYS C 23 5.63 36.12 -13.61
CA CYS C 23 6.90 36.50 -13.00
C CYS C 23 7.52 37.59 -13.87
N LYS C 24 8.20 38.55 -13.23
CA LYS C 24 8.81 39.65 -13.95
C LYS C 24 10.24 39.82 -13.45
N ALA C 25 11.21 39.70 -14.37
CA ALA C 25 12.61 39.85 -14.01
C ALA C 25 13.06 41.28 -14.31
N SER C 26 14.32 41.56 -13.98
CA SER C 26 14.88 42.89 -14.25
C SER C 26 15.31 43.02 -15.72
N GLN C 27 16.01 42.02 -16.24
CA GLN C 27 16.54 42.04 -17.60
C GLN C 27 16.23 40.72 -18.29
N ASP C 28 16.72 40.58 -19.52
CA ASP C 28 16.43 39.40 -20.33
C ASP C 28 17.17 38.19 -19.76
N VAL C 29 16.41 37.14 -19.44
CA VAL C 29 16.95 35.92 -18.86
C VAL C 29 17.17 34.82 -19.90
N SER C 30 16.82 35.05 -21.15
CA SER C 30 16.71 33.98 -22.17
C SER C 30 15.70 32.98 -21.58
N THR C 31 16.02 31.70 -21.50
CA THR C 31 15.27 30.80 -20.62
C THR C 31 16.23 30.32 -19.54
N ALA C 32 16.17 30.93 -18.36
CA ALA C 32 16.59 30.31 -17.11
C ALA C 32 15.61 30.78 -16.05
N VAL C 33 14.75 29.86 -15.58
CA VAL C 33 13.81 30.19 -14.50
C VAL C 33 13.50 28.91 -13.75
N ALA C 34 13.38 29.03 -12.43
CA ALA C 34 13.07 27.90 -11.57
C ALA C 34 11.84 28.23 -10.74
N TRP C 35 10.81 27.39 -10.85
CA TRP C 35 9.58 27.54 -10.09
C TRP C 35 9.62 26.56 -8.92
N TYR C 36 9.47 27.09 -7.70
CA TYR C 36 9.50 26.29 -6.49
C TYR C 36 8.11 26.27 -5.84
N GLN C 37 7.81 25.16 -5.17
CA GLN C 37 6.57 25.00 -4.42
C GLN C 37 6.93 24.82 -2.96
N GLN C 38 6.57 25.80 -2.14
CA GLN C 38 6.78 25.70 -0.69
C GLN C 38 5.42 25.54 -0.03
N LYS C 39 5.15 24.35 0.48
CA LYS C 39 3.95 24.16 1.25
C LYS C 39 4.13 24.72 2.66
N PRO C 40 3.07 25.19 3.29
CA PRO C 40 3.20 25.76 4.64
C PRO C 40 3.78 24.73 5.60
N GLY C 41 4.82 25.13 6.33
CA GLY C 41 5.51 24.23 7.24
C GLY C 41 6.50 23.30 6.58
N GLN C 42 6.75 23.44 5.29
CA GLN C 42 7.68 22.58 4.58
C GLN C 42 8.73 23.42 3.86
N SER C 43 9.83 22.76 3.48
CA SER C 43 10.87 23.42 2.74
C SER C 43 10.42 23.66 1.29
N PRO C 44 10.98 24.66 0.62
CA PRO C 44 10.64 24.89 -0.79
C PRO C 44 11.03 23.69 -1.65
N LYS C 45 10.09 23.25 -2.49
CA LYS C 45 10.27 22.10 -3.35
C LYS C 45 10.40 22.56 -4.80
N LEU C 46 11.44 22.11 -5.48
CA LEU C 46 11.67 22.50 -6.86
C LEU C 46 10.68 21.80 -7.79
N LEU C 47 10.16 22.55 -8.75
CA LEU C 47 9.24 22.01 -9.75
C LEU C 47 9.78 22.22 -11.16
N ILE C 48 9.88 23.47 -11.62
CA ILE C 48 10.27 23.78 -12.99
C ILE C 48 11.70 24.31 -12.99
N TYR C 49 12.43 23.99 -14.06
CA TYR C 49 13.76 24.54 -14.29
C TYR C 49 13.92 24.82 -15.78
N SER C 50 14.68 25.86 -16.10
CA SER C 50 14.85 26.38 -17.46
C SER C 50 13.51 26.77 -18.09
N ALA C 51 12.51 26.97 -17.24
CA ALA C 51 11.21 27.59 -17.52
C ALA C 51 10.29 26.73 -18.37
N SER C 52 10.83 25.81 -19.19
CA SER C 52 10.00 24.84 -19.88
C SER C 52 10.12 23.42 -19.34
N TYR C 53 11.04 23.15 -18.42
CA TYR C 53 11.40 21.78 -18.06
C TYR C 53 10.98 21.46 -16.64
N ARG C 54 10.62 20.20 -16.42
CA ARG C 54 10.14 19.71 -15.14
C ARG C 54 11.20 18.85 -14.46
N TYR C 55 11.37 19.05 -13.16
CA TYR C 55 12.27 18.22 -12.37
C TYR C 55 11.63 16.85 -12.12
N THR C 56 12.48 15.89 -11.79
CA THR C 56 11.99 14.53 -11.55
C THR C 56 11.11 14.50 -10.31
N GLY C 57 10.05 13.69 -10.37
CA GLY C 57 9.11 13.57 -9.28
C GLY C 57 7.99 14.59 -9.28
N VAL C 58 7.82 15.34 -10.35
CA VAL C 58 6.80 16.39 -10.46
C VAL C 58 5.70 15.87 -11.37
N PRO C 59 4.44 15.90 -10.94
CA PRO C 59 3.36 15.38 -11.78
C PRO C 59 3.19 16.19 -13.06
N ASP C 60 2.48 15.58 -14.02
CA ASP C 60 2.30 16.20 -15.34
C ASP C 60 1.44 17.47 -15.28
N ARG C 61 0.70 17.69 -14.20
CA ARG C 61 -0.19 18.84 -14.12
C ARG C 61 0.56 20.15 -13.93
N PHE C 62 1.87 20.11 -13.70
CA PHE C 62 2.68 21.32 -13.52
C PHE C 62 3.49 21.56 -14.78
N THR C 63 3.29 22.74 -15.40
CA THR C 63 4.00 23.12 -16.60
C THR C 63 4.52 24.55 -16.47
N GLY C 64 5.38 24.93 -17.40
CA GLY C 64 5.90 26.28 -17.45
C GLY C 64 6.20 26.66 -18.88
N SER C 65 6.30 27.96 -19.12
CA SER C 65 6.49 28.45 -20.47
C SER C 65 7.13 29.83 -20.43
N GLY C 66 7.38 30.39 -21.61
CA GLY C 66 7.90 31.73 -21.78
C GLY C 66 9.40 31.79 -21.95
N SER C 67 9.86 32.73 -22.78
CA SER C 67 11.27 33.04 -22.95
C SER C 67 11.41 34.55 -23.02
N GLY C 68 12.10 35.13 -22.06
CA GLY C 68 12.15 36.58 -21.98
C GLY C 68 12.37 37.02 -20.54
N THR C 69 11.86 38.21 -20.24
CA THR C 69 11.78 38.65 -18.85
C THR C 69 10.57 38.02 -18.15
N ASP C 70 9.45 37.88 -18.86
CA ASP C 70 8.22 37.37 -18.28
C ASP C 70 8.11 35.86 -18.46
N PHE C 71 7.61 35.18 -17.43
CA PHE C 71 7.42 33.73 -17.46
C PHE C 71 6.10 33.38 -16.82
N THR C 72 5.60 32.19 -17.16
CA THR C 72 4.29 31.73 -16.72
C THR C 72 4.40 30.31 -16.18
N PHE C 73 3.85 30.10 -14.98
CA PHE C 73 3.75 28.78 -14.38
C PHE C 73 2.28 28.35 -14.42
N THR C 74 1.99 27.29 -15.16
CA THR C 74 0.63 26.88 -15.46
C THR C 74 0.30 25.57 -14.76
N ILE C 75 -0.85 25.54 -14.08
CA ILE C 75 -1.40 24.33 -13.47
C ILE C 75 -2.77 24.10 -14.09
N SER C 76 -2.92 23.01 -14.84
CA SER C 76 -4.19 22.73 -15.49
C SER C 76 -5.23 22.26 -14.47
N SER C 77 -4.87 21.30 -13.63
CA SER C 77 -5.77 20.74 -12.62
C SER C 77 -5.20 21.08 -11.24
N VAL C 78 -5.90 21.94 -10.51
CA VAL C 78 -5.53 22.29 -9.15
C VAL C 78 -6.21 21.32 -8.19
N GLN C 79 -5.45 20.85 -7.21
CA GLN C 79 -5.95 19.93 -6.20
C GLN C 79 -6.00 20.62 -4.84
N ALA C 80 -6.47 19.88 -3.83
CA ALA C 80 -6.51 20.41 -2.48
C ALA C 80 -5.13 20.41 -1.85
N GLU C 81 -4.33 19.37 -2.11
CA GLU C 81 -2.96 19.32 -1.63
C GLU C 81 -2.03 20.24 -2.43
N ASP C 82 -2.54 20.87 -3.50
CA ASP C 82 -1.76 21.81 -4.28
C ASP C 82 -1.70 23.19 -3.65
N LEU C 83 -2.30 23.38 -2.49
CA LEU C 83 -2.27 24.67 -1.83
C LEU C 83 -0.89 24.90 -1.24
N ALA C 84 -0.23 25.97 -1.68
CA ALA C 84 1.14 26.29 -1.29
C ALA C 84 1.46 27.68 -1.77
N VAL C 85 2.70 28.11 -1.55
CA VAL C 85 3.21 29.39 -2.02
C VAL C 85 4.28 29.12 -3.06
N TYR C 86 4.10 29.67 -4.26
CA TYR C 86 5.00 29.43 -5.38
C TYR C 86 5.93 30.62 -5.58
N TYR C 87 7.20 30.34 -5.85
CA TYR C 87 8.21 31.35 -6.09
C TYR C 87 8.86 31.13 -7.45
N CYS C 88 9.32 32.21 -8.06
CA CYS C 88 10.10 32.15 -9.29
C CYS C 88 11.49 32.72 -9.03
N GLN C 89 12.50 32.07 -9.61
CA GLN C 89 13.89 32.38 -9.32
C GLN C 89 14.71 32.27 -10.60
N GLN C 90 15.65 33.19 -10.79
CA GLN C 90 16.52 33.23 -11.95
C GLN C 90 17.87 32.63 -11.61
N HIS C 91 18.38 31.77 -12.50
CA HIS C 91 19.78 31.36 -12.44
C HIS C 91 20.51 31.79 -13.71
N TYR C 92 21.19 32.93 -13.65
CA TYR C 92 22.32 33.21 -14.52
C TYR C 92 23.37 33.99 -13.73
N SER C 93 22.98 35.17 -13.27
CA SER C 93 23.88 36.16 -12.70
C SER C 93 23.97 36.01 -11.18
N ILE C 94 25.16 36.24 -10.66
CA ILE C 94 25.39 36.30 -9.22
C ILE C 94 25.09 37.71 -8.74
N PRO C 95 24.36 37.85 -7.62
CA PRO C 95 23.71 36.80 -6.82
C PRO C 95 22.40 36.28 -7.41
N ARG C 96 21.98 35.10 -6.95
CA ARG C 96 20.68 34.55 -7.32
C ARG C 96 19.61 35.16 -6.42
N THR C 97 18.50 35.59 -7.03
CA THR C 97 17.43 36.25 -6.29
C THR C 97 16.11 35.52 -6.51
N PHE C 98 15.16 35.80 -5.62
CA PHE C 98 13.84 35.19 -5.66
C PHE C 98 12.77 36.27 -5.79
N GLY C 99 11.59 35.85 -6.25
CA GLY C 99 10.45 36.73 -6.28
C GLY C 99 9.76 36.80 -4.94
N GLY C 100 8.89 37.81 -4.81
CA GLY C 100 8.16 38.01 -3.57
C GLY C 100 7.25 36.85 -3.21
N GLY C 101 6.87 36.04 -4.18
CA GLY C 101 6.01 34.90 -3.92
C GLY C 101 4.54 35.22 -4.15
N THR C 102 3.80 34.22 -4.58
CA THR C 102 2.37 34.34 -4.84
C THR C 102 1.65 33.23 -4.09
N LYS C 103 0.85 33.59 -3.10
CA LYS C 103 0.09 32.61 -2.33
C LYS C 103 -1.18 32.26 -3.10
N LEU C 104 -1.35 30.97 -3.40
CA LEU C 104 -2.50 30.50 -4.16
C LEU C 104 -3.60 30.10 -3.19
N GLU C 105 -4.70 30.86 -3.19
CA GLU C 105 -5.84 30.58 -2.32
C GLU C 105 -6.93 29.89 -3.13
N ILE C 106 -7.44 28.78 -2.60
CA ILE C 106 -8.42 27.96 -3.30
C ILE C 106 -9.82 28.46 -2.99
N LYS C 107 -10.59 28.71 -4.04
CA LYS C 107 -11.98 29.16 -3.92
C LYS C 107 -12.91 27.95 -4.00
N ARG C 108 -13.83 27.85 -3.05
CA ARG C 108 -14.78 26.75 -3.02
C ARG C 108 -16.12 27.28 -2.51
N ALA C 109 -17.07 26.36 -2.33
CA ALA C 109 -18.39 26.72 -1.84
C ALA C 109 -18.33 27.07 -0.35
N ASP C 110 -19.34 27.80 0.09
CA ASP C 110 -19.42 28.20 1.49
C ASP C 110 -19.62 26.97 2.38
N ALA C 111 -19.04 27.04 3.58
CA ALA C 111 -19.14 25.97 4.57
C ALA C 111 -19.56 26.55 5.90
N ALA C 112 -20.49 25.87 6.57
CA ALA C 112 -20.99 26.33 7.85
C ALA C 112 -19.92 26.14 8.93
N PRO C 113 -19.54 27.19 9.65
CA PRO C 113 -18.53 27.03 10.71
C PRO C 113 -19.05 26.17 11.85
N THR C 114 -18.23 25.22 12.29
CA THR C 114 -18.56 24.39 13.44
C THR C 114 -18.01 25.07 14.68
N VAL C 115 -18.90 25.51 15.57
CA VAL C 115 -18.54 26.29 16.74
C VAL C 115 -18.67 25.41 17.98
N SER C 116 -17.61 25.38 18.78
CA SER C 116 -17.60 24.60 20.01
C SER C 116 -16.96 25.46 21.11
N ILE C 117 -17.67 25.63 22.21
CA ILE C 117 -17.20 26.42 23.35
C ILE C 117 -16.73 25.46 24.43
N PHE C 118 -15.66 25.84 25.13
CA PHE C 118 -15.06 24.96 26.11
C PHE C 118 -14.92 25.66 27.47
N PRO C 119 -15.18 24.95 28.56
CA PRO C 119 -14.96 25.52 29.89
C PRO C 119 -13.50 25.45 30.27
N PRO C 120 -13.05 26.31 31.19
CA PRO C 120 -11.67 26.22 31.67
C PRO C 120 -11.44 24.95 32.48
N SER C 121 -10.28 24.33 32.27
CA SER C 121 -9.93 23.10 32.94
C SER C 121 -9.55 23.35 34.40
N SER C 122 -9.62 22.28 35.20
CA SER C 122 -9.24 22.38 36.60
C SER C 122 -7.74 22.58 36.77
N GLU C 123 -6.93 22.08 35.83
CA GLU C 123 -5.49 22.32 35.89
C GLU C 123 -5.18 23.80 35.77
N GLN C 124 -5.95 24.52 34.95
CA GLN C 124 -5.75 25.96 34.83
C GLN C 124 -6.32 26.69 36.04
N LEU C 125 -7.44 26.20 36.59
CA LEU C 125 -8.00 26.80 37.79
C LEU C 125 -7.07 26.63 38.98
N THR C 126 -6.27 25.57 39.00
CA THR C 126 -5.30 25.39 40.08
C THR C 126 -4.23 26.48 40.04
N SER C 127 -3.81 26.87 38.84
CA SER C 127 -2.81 27.93 38.67
C SER C 127 -3.38 29.32 38.91
N GLY C 128 -4.68 29.45 39.13
CA GLY C 128 -5.27 30.74 39.39
C GLY C 128 -5.80 31.48 38.17
N GLY C 129 -6.16 30.76 37.11
CA GLY C 129 -6.68 31.40 35.92
C GLY C 129 -7.71 30.54 35.24
N ALA C 130 -8.47 31.16 34.33
CA ALA C 130 -9.52 30.45 33.61
C ALA C 130 -9.62 31.04 32.20
N SER C 131 -9.82 30.16 31.21
CA SER C 131 -9.93 30.58 29.82
C SER C 131 -11.08 29.85 29.16
N VAL C 132 -12.04 30.61 28.65
CA VAL C 132 -13.14 30.05 27.86
C VAL C 132 -12.76 30.12 26.39
N VAL C 133 -12.83 28.98 25.71
CA VAL C 133 -12.38 28.86 24.33
C VAL C 133 -13.58 28.70 23.41
N CYS C 134 -13.49 29.29 22.21
CA CYS C 134 -14.49 29.15 21.18
C CYS C 134 -13.77 28.73 19.90
N PHE C 135 -14.05 27.51 19.43
CA PHE C 135 -13.42 26.97 18.23
C PHE C 135 -14.36 27.10 17.05
N LEU C 136 -13.83 27.56 15.92
CA LEU C 136 -14.59 27.68 14.67
C LEU C 136 -13.86 26.85 13.62
N ASN C 137 -14.49 25.77 13.16
CA ASN C 137 -13.84 24.81 12.28
C ASN C 137 -14.64 24.64 10.99
N ASN C 138 -13.90 24.48 9.88
CA ASN C 138 -14.45 24.09 8.59
C ASN C 138 -15.51 25.09 8.10
N PHE C 139 -15.02 26.27 7.73
CA PHE C 139 -15.86 27.30 7.15
C PHE C 139 -15.10 28.02 6.04
N TYR C 140 -15.86 28.53 5.07
CA TYR C 140 -15.30 29.33 3.99
C TYR C 140 -16.28 30.45 3.64
N PRO C 141 -15.77 31.65 3.33
CA PRO C 141 -14.37 32.08 3.28
C PRO C 141 -13.80 32.48 4.65
N LYS C 142 -12.59 33.04 4.63
CA LYS C 142 -11.91 33.40 5.87
C LYS C 142 -12.67 34.47 6.65
N ASP C 143 -13.37 35.37 5.97
CA ASP C 143 -14.01 36.48 6.66
C ASP C 143 -15.18 35.97 7.49
N ILE C 144 -15.12 36.22 8.80
CA ILE C 144 -16.20 35.85 9.72
C ILE C 144 -16.11 36.78 10.91
N ASN C 145 -17.27 37.08 11.51
CA ASN C 145 -17.33 37.88 12.72
C ASN C 145 -17.58 36.98 13.92
N VAL C 146 -16.85 37.24 15.01
CA VAL C 146 -16.98 36.50 16.25
C VAL C 146 -17.30 37.48 17.36
N LYS C 147 -18.40 37.24 18.06
CA LYS C 147 -18.83 38.09 19.16
C LYS C 147 -18.95 37.24 20.42
N TRP C 148 -18.47 37.79 21.54
CA TRP C 148 -18.44 37.10 22.81
C TRP C 148 -19.49 37.67 23.76
N LYS C 149 -20.03 36.80 24.60
CA LYS C 149 -20.97 37.21 25.65
C LYS C 149 -20.59 36.50 26.94
N ILE C 150 -20.25 37.27 27.98
CA ILE C 150 -19.93 36.68 29.26
C ILE C 150 -21.25 36.23 29.89
N ASP C 151 -22.07 37.19 30.31
CA ASP C 151 -23.49 36.94 30.52
C ASP C 151 -24.26 38.07 29.81
N GLY C 152 -24.92 37.75 28.70
CA GLY C 152 -25.80 38.67 28.04
C GLY C 152 -25.15 39.89 27.41
N SER C 153 -23.85 40.10 27.65
CA SER C 153 -23.19 41.35 27.29
C SER C 153 -21.99 41.08 26.40
N GLU C 154 -21.77 41.96 25.43
CA GLU C 154 -20.69 41.77 24.48
C GLU C 154 -19.35 42.06 25.15
N ARG C 155 -18.47 41.06 25.14
CA ARG C 155 -17.15 41.18 25.76
C ARG C 155 -16.10 41.35 24.67
N GLN C 156 -15.58 42.56 24.55
CA GLN C 156 -14.55 42.88 23.56
C GLN C 156 -13.14 42.90 24.15
N ASN C 157 -13.00 42.70 25.46
CA ASN C 157 -11.70 42.74 26.12
C ASN C 157 -11.26 41.33 26.47
N GLY C 158 -10.03 40.99 26.08
CA GLY C 158 -9.51 39.66 26.33
C GLY C 158 -9.87 38.64 25.28
N VAL C 159 -10.18 39.07 24.06
CA VAL C 159 -10.56 38.18 22.97
C VAL C 159 -9.45 38.17 21.94
N LEU C 160 -9.02 36.97 21.54
CA LEU C 160 -7.99 36.80 20.54
C LEU C 160 -8.50 35.87 19.45
N ASN C 161 -8.48 36.35 18.21
CA ASN C 161 -8.88 35.57 17.05
C ASN C 161 -7.64 35.11 16.30
N SER C 162 -7.49 33.79 16.15
CA SER C 162 -6.35 33.20 15.47
C SER C 162 -6.86 32.43 14.26
N TRP C 163 -6.55 32.93 13.06
CA TRP C 163 -6.94 32.28 11.83
C TRP C 163 -5.82 31.38 11.32
N THR C 164 -6.15 30.12 11.07
CA THR C 164 -5.20 29.21 10.45
C THR C 164 -5.16 29.47 8.94
N ASP C 165 -4.31 28.73 8.24
CA ASP C 165 -4.27 28.81 6.80
C ASP C 165 -5.36 27.92 6.20
N GLN C 166 -5.45 27.92 4.87
CA GLN C 166 -6.44 27.09 4.20
C GLN C 166 -6.08 25.62 4.36
N ASP C 167 -7.09 24.77 4.27
CA ASP C 167 -6.91 23.34 4.44
C ASP C 167 -6.42 22.70 3.14
N SER C 168 -5.60 21.65 3.29
CA SER C 168 -5.07 20.91 2.16
C SER C 168 -5.96 19.74 1.75
N LYS C 169 -7.12 19.57 2.39
CA LYS C 169 -8.02 18.46 2.07
C LYS C 169 -9.36 19.00 1.57
N ASP C 170 -10.15 19.65 2.44
CA ASP C 170 -11.41 20.24 2.02
C ASP C 170 -11.30 21.73 1.73
N SER C 171 -10.12 22.32 1.91
CA SER C 171 -9.88 23.74 1.64
C SER C 171 -10.85 24.63 2.44
N THR C 172 -10.88 24.41 3.75
CA THR C 172 -11.75 25.16 4.65
C THR C 172 -10.90 25.81 5.74
N TYR C 173 -11.12 27.09 5.97
CA TYR C 173 -10.42 27.80 7.04
C TYR C 173 -10.96 27.39 8.40
N SER C 174 -10.13 27.58 9.42
CA SER C 174 -10.51 27.31 10.80
C SER C 174 -9.87 28.35 11.70
N MET C 175 -10.65 28.89 12.64
CA MET C 175 -10.16 29.90 13.56
C MET C 175 -10.55 29.55 14.99
N SER C 176 -9.84 30.15 15.94
CA SER C 176 -10.08 29.95 17.35
C SER C 176 -10.25 31.30 18.03
N SER C 177 -11.33 31.46 18.78
CA SER C 177 -11.60 32.66 19.56
C SER C 177 -11.37 32.32 21.03
N THR C 178 -10.40 32.99 21.64
CA THR C 178 -9.99 32.71 23.01
C THR C 178 -10.34 33.87 23.91
N LEU C 179 -11.01 33.59 25.02
CA LEU C 179 -11.35 34.57 26.03
C LEU C 179 -10.67 34.17 27.33
N THR C 180 -9.71 34.98 27.79
CA THR C 180 -8.93 34.70 28.98
C THR C 180 -9.34 35.65 30.09
N LEU C 181 -9.60 35.11 31.27
CA LEU C 181 -10.04 35.89 32.41
C LEU C 181 -9.41 35.34 33.68
N THR C 182 -9.49 36.13 34.75
CA THR C 182 -8.97 35.71 36.05
C THR C 182 -9.91 34.70 36.70
N LYS C 183 -9.35 33.91 37.62
CA LYS C 183 -10.15 32.92 38.33
C LYS C 183 -11.21 33.58 39.21
N ASP C 184 -10.87 34.73 39.81
CA ASP C 184 -11.84 35.44 40.64
C ASP C 184 -13.02 35.92 39.79
N GLU C 185 -12.75 36.40 38.58
CA GLU C 185 -13.82 36.84 37.69
C GLU C 185 -14.56 35.67 37.05
N TYR C 186 -13.93 34.50 36.96
CA TYR C 186 -14.58 33.36 36.35
C TYR C 186 -15.62 32.74 37.27
N GLU C 187 -15.35 32.72 38.58
CA GLU C 187 -16.28 32.14 39.54
C GLU C 187 -17.38 33.09 39.94
N ARG C 188 -17.37 34.33 39.43
CA ARG C 188 -18.46 35.28 39.64
C ARG C 188 -19.47 35.27 38.50
N HIS C 189 -19.26 34.43 37.48
CA HIS C 189 -20.18 34.30 36.36
C HIS C 189 -20.42 32.83 36.08
N ASN C 190 -21.53 32.54 35.41
CA ASN C 190 -21.94 31.15 35.19
C ASN C 190 -22.01 30.80 33.71
N SER C 191 -23.01 31.27 32.97
CA SER C 191 -23.27 30.80 31.62
C SER C 191 -22.54 31.70 30.62
N TYR C 192 -21.53 31.14 29.96
CA TYR C 192 -20.75 31.85 28.96
C TYR C 192 -21.28 31.54 27.56
N THR C 193 -21.26 32.55 26.69
CA THR C 193 -21.82 32.42 25.34
C THR C 193 -20.88 33.08 24.34
N CYS C 194 -20.46 32.32 23.33
CA CYS C 194 -19.70 32.86 22.21
C CYS C 194 -20.47 32.62 20.92
N GLU C 195 -20.65 33.67 20.12
CA GLU C 195 -21.40 33.58 18.88
C GLU C 195 -20.53 34.02 17.71
N ALA C 196 -20.88 33.54 16.52
CA ALA C 196 -20.12 33.79 15.31
C ALA C 196 -21.06 34.16 14.17
N THR C 197 -20.78 35.27 13.51
CA THR C 197 -21.57 35.75 12.38
C THR C 197 -20.80 35.49 11.09
N HIS C 198 -21.38 34.65 10.23
CA HIS C 198 -20.75 34.27 8.97
C HIS C 198 -21.74 34.52 7.83
N LYS C 199 -21.21 34.53 6.61
CA LYS C 199 -22.04 34.78 5.44
C LYS C 199 -22.87 33.57 5.01
N THR C 200 -22.62 32.39 5.61
CA THR C 200 -23.42 31.21 5.28
C THR C 200 -24.86 31.36 5.73
N SER C 201 -25.10 32.03 6.86
CA SER C 201 -26.44 32.23 7.37
C SER C 201 -26.50 33.57 8.08
N THR C 202 -27.68 34.20 8.03
CA THR C 202 -27.84 35.51 8.64
C THR C 202 -27.81 35.42 10.16
N SER C 203 -28.38 34.38 10.72
CA SER C 203 -28.41 34.22 12.18
C SER C 203 -27.06 33.75 12.69
N PRO C 204 -26.43 34.46 13.62
CA PRO C 204 -25.15 34.00 14.15
C PRO C 204 -25.30 32.72 14.96
N ILE C 205 -24.31 31.84 14.85
CA ILE C 205 -24.32 30.57 15.56
C ILE C 205 -23.95 30.83 17.03
N VAL C 206 -24.83 30.45 17.94
CA VAL C 206 -24.69 30.74 19.35
C VAL C 206 -24.41 29.45 20.12
N LYS C 207 -23.35 29.45 20.91
CA LYS C 207 -23.00 28.33 21.77
C LYS C 207 -22.90 28.81 23.22
N SER C 208 -23.33 27.97 24.15
CA SER C 208 -23.37 28.36 25.56
C SER C 208 -23.13 27.14 26.44
N PHE C 209 -22.50 27.39 27.59
CA PHE C 209 -22.32 26.38 28.62
C PHE C 209 -22.45 27.04 29.98
N ASN C 210 -22.71 26.22 31.00
CA ASN C 210 -22.85 26.69 32.37
C ASN C 210 -21.60 26.40 33.17
N ARG C 211 -21.25 27.29 34.10
CA ARG C 211 -20.02 27.12 34.86
C ARG C 211 -20.15 26.07 35.95
N ASN C 212 -21.37 25.78 36.42
CA ASN C 212 -21.52 24.91 37.59
C ASN C 212 -21.63 23.48 37.08
N GLU C 213 -20.52 22.73 37.24
CA GLU C 213 -20.40 21.32 36.87
C GLU C 213 -21.06 21.02 35.53
N CYS C 214 -20.82 21.88 34.54
CA CYS C 214 -21.38 21.77 33.19
C CYS C 214 -22.79 21.18 33.12
#